data_4I79
#
_entry.id   4I79
#
_cell.length_a   80.736
_cell.length_b   161.964
_cell.length_c   58.197
_cell.angle_alpha   90.00
_cell.angle_beta   90.00
_cell.angle_gamma   90.00
#
_symmetry.space_group_name_H-M   'P 21 21 2'
#
loop_
_entity.id
_entity.type
_entity.pdbx_description
1 polymer 'Nucleoporin Nup43'
2 polymer 'floating chain, unknown sequence'
3 non-polymer 'UNKNOWN ATOM OR ION'
4 water water
#
loop_
_entity_poly.entity_id
_entity_poly.type
_entity_poly.pdbx_seq_one_letter_code
_entity_poly.pdbx_strand_id
1 'polypeptide(L)'
;MGSSHHHHHHSSGLVPRGSMEEIYAKFVSQKISKTRWRPLPPGSLQTAETFATGSWDNEENYISLWSIGDFGNLDSDGGF
EGDHQLLCDIRHHGDVMDLQFFDQERIVAASSTGCVTVFLHHPNNQTLSVNQQWTTAHYHTGPGSPSYSSAPCTGVVCNN
PEIVTVGEDGRINLFRADHKEAVRTIDNADSSTLHAVTFLRTPEILTVNSIGQLKIWDFRQQGNEPSQILSLTGDRVPLH
CVDRHPNQQHVVATGGQDGMLSIWDVRQGTMPVSLLKAHEAEMWEVHFHPSNPEHLFTCSEDGSLWHWDASTDVPEKSSL
FHQGGRSSTFLSHSISNQANVHQSVISSWLSTDPAKDRIEITSLLPSRSLSVNTLDVLGPCLVCGTDAEAIYVTRHLFS
;
A,B
2 'polypeptide(L)' (UNK)(UNK)(UNK)(UNK)(UNK)(UNK)(UNK)(UNK)(UNK) C
#
# COMPACT_ATOMS: atom_id res chain seq x y z
N ILE A 23 7.90 26.70 -30.58
CA ILE A 23 7.95 25.98 -29.29
C ILE A 23 7.86 27.02 -28.16
N TYR A 24 7.35 26.62 -27.01
CA TYR A 24 7.32 27.49 -25.84
C TYR A 24 7.37 26.63 -24.60
N ALA A 25 7.75 27.27 -23.49
CA ALA A 25 7.81 26.62 -22.18
C ALA A 25 6.79 27.18 -21.21
N LYS A 26 6.34 26.35 -20.30
CA LYS A 26 5.55 26.77 -19.18
C LYS A 26 6.12 26.12 -17.93
N PHE A 27 6.24 26.91 -16.87
CA PHE A 27 6.84 26.38 -15.65
C PHE A 27 5.72 25.97 -14.73
N VAL A 28 5.88 24.82 -14.10
CA VAL A 28 4.77 24.22 -13.33
C VAL A 28 5.07 23.84 -11.88
N SER A 29 6.23 24.21 -11.36
CA SER A 29 6.51 24.02 -9.91
C SER A 29 6.66 22.56 -9.46
N GLN A 30 6.73 21.63 -10.41
CA GLN A 30 6.99 20.20 -10.12
CA GLN A 30 7.11 20.25 -10.08
C GLN A 30 7.98 19.69 -11.18
N LYS A 31 8.91 18.84 -10.81
CA LYS A 31 9.72 18.15 -11.83
C LYS A 31 8.81 17.13 -12.56
N ILE A 32 8.75 17.26 -13.88
CA ILE A 32 7.90 16.43 -14.71
C ILE A 32 8.65 15.17 -15.20
N SER A 33 8.20 14.01 -14.72
CA SER A 33 8.77 12.73 -15.15
C SER A 33 8.22 12.22 -16.44
N LYS A 34 6.94 12.45 -16.73
CA LYS A 34 6.26 11.85 -17.89
C LYS A 34 5.29 12.81 -18.50
N THR A 35 5.27 12.89 -19.83
CA THR A 35 4.29 13.67 -20.56
C THR A 35 3.76 12.83 -21.68
N ARG A 36 2.43 12.76 -21.84
CA ARG A 36 1.77 11.98 -22.92
C ARG A 36 0.60 12.69 -23.50
N TRP A 37 0.49 12.70 -24.82
CA TRP A 37 -0.66 13.26 -25.47
C TRP A 37 -1.87 12.32 -25.33
N ARG A 38 -3.04 12.90 -25.09
CA ARG A 38 -4.28 12.17 -25.25
C ARG A 38 -4.49 11.79 -26.72
N PRO A 39 -4.80 10.54 -26.99
CA PRO A 39 -5.08 10.09 -28.35
C PRO A 39 -6.27 10.82 -28.97
N LEU A 40 -6.25 10.96 -30.28
CA LEU A 40 -7.35 11.59 -30.99
C LEU A 40 -8.48 10.59 -31.23
N PRO A 41 -9.72 11.07 -31.21
CA PRO A 41 -10.85 10.24 -31.65
C PRO A 41 -10.55 9.61 -33.01
N PRO A 42 -10.85 8.31 -33.20
CA PRO A 42 -10.50 7.64 -34.47
C PRO A 42 -11.14 8.36 -35.68
N GLY A 43 -10.36 8.58 -36.74
CA GLY A 43 -10.81 9.35 -37.89
C GLY A 43 -11.02 10.84 -37.58
N SER A 44 -10.25 11.38 -36.62
CA SER A 44 -10.22 12.83 -36.34
C SER A 44 -9.21 13.47 -37.28
N LEU A 45 -9.49 14.72 -37.66
CA LEU A 45 -8.63 15.52 -38.52
C LEU A 45 -7.90 16.63 -37.74
N GLN A 46 -8.25 16.81 -36.45
CA GLN A 46 -7.62 17.85 -35.63
C GLN A 46 -6.33 17.29 -35.09
N THR A 47 -5.47 18.18 -34.61
CA THR A 47 -4.21 17.74 -34.05
C THR A 47 -4.36 17.73 -32.52
N ALA A 48 -3.46 17.00 -31.87
CA ALA A 48 -3.46 16.85 -30.39
C ALA A 48 -3.49 18.19 -29.62
N GLU A 49 -4.29 18.23 -28.55
CA GLU A 49 -4.48 19.46 -27.78
C GLU A 49 -4.53 19.26 -26.29
N THR A 50 -4.58 18.01 -25.83
CA THR A 50 -4.64 17.71 -24.42
C THR A 50 -3.56 16.70 -24.13
N PHE A 51 -2.86 16.90 -23.02
CA PHE A 51 -1.85 15.99 -22.58
C PHE A 51 -1.82 15.81 -21.08
N ALA A 52 -1.28 14.68 -20.64
CA ALA A 52 -1.14 14.40 -19.24
C ALA A 52 0.30 14.49 -18.82
N THR A 53 0.48 14.83 -17.55
CA THR A 53 1.79 14.81 -16.95
C THR A 53 1.79 14.06 -15.67
N GLY A 54 2.96 13.51 -15.36
CA GLY A 54 3.22 12.92 -14.04
C GLY A 54 4.46 13.58 -13.47
N SER A 55 4.50 13.74 -12.16
CA SER A 55 5.67 14.38 -11.52
C SER A 55 6.45 13.41 -10.65
N TRP A 56 7.65 13.82 -10.29
CA TRP A 56 8.46 13.04 -9.36
C TRP A 56 9.28 13.94 -8.41
N ASP A 57 9.86 13.33 -7.38
CA ASP A 57 10.79 14.01 -6.44
C ASP A 57 10.13 15.09 -5.55
N ASN A 58 8.80 14.98 -5.34
CA ASN A 58 8.03 15.83 -4.40
CA ASN A 58 8.13 15.81 -4.36
C ASN A 58 7.42 14.94 -3.33
N GLU A 59 7.12 15.53 -2.17
CA GLU A 59 6.34 14.85 -1.13
C GLU A 59 4.93 14.64 -1.67
N GLU A 60 4.47 15.58 -2.51
CA GLU A 60 3.15 15.47 -3.13
C GLU A 60 3.31 15.51 -4.64
N ASN A 61 3.21 14.34 -5.25
CA ASN A 61 3.27 14.20 -6.67
C ASN A 61 1.88 14.18 -7.26
N TYR A 62 1.79 14.52 -8.53
CA TYR A 62 0.52 14.65 -9.22
C TYR A 62 0.48 14.07 -10.61
N ILE A 63 -0.71 13.63 -10.98
CA ILE A 63 -1.03 13.44 -12.34
C ILE A 63 -1.95 14.54 -12.74
N SER A 64 -1.60 15.22 -13.84
CA SER A 64 -2.36 16.39 -14.29
C SER A 64 -2.74 16.28 -15.75
N LEU A 65 -3.88 16.89 -16.13
CA LEU A 65 -4.27 16.99 -17.53
C LEU A 65 -4.25 18.44 -17.90
N TRP A 66 -3.75 18.70 -19.11
CA TRP A 66 -3.61 20.05 -19.59
C TRP A 66 -4.25 20.17 -20.98
N SER A 67 -4.86 21.33 -21.27
CA SER A 67 -5.45 21.58 -22.56
C SER A 67 -4.86 22.88 -23.14
N ILE A 68 -4.60 22.83 -24.43
CA ILE A 68 -4.09 24.00 -25.21
C ILE A 68 -5.19 24.79 -25.86
N GLU A 81 2.45 33.55 -29.14
CA GLU A 81 3.06 32.60 -28.21
C GLU A 81 2.00 31.64 -27.70
N GLY A 82 2.21 30.34 -27.90
CA GLY A 82 1.21 29.34 -27.51
C GLY A 82 0.96 29.30 -25.99
N ASP A 83 -0.07 28.57 -25.58
CA ASP A 83 -0.42 28.47 -24.17
C ASP A 83 -1.21 27.19 -23.91
N HIS A 84 -1.13 26.73 -22.68
CA HIS A 84 -1.99 25.63 -22.19
C HIS A 84 -2.41 25.94 -20.75
N GLN A 85 -3.51 25.32 -20.31
CA GLN A 85 -4.05 25.53 -18.96
C GLN A 85 -4.44 24.21 -18.32
N LEU A 86 -4.48 24.20 -17.00
CA LEU A 86 -4.75 23.00 -16.24
C LEU A 86 -6.23 22.65 -16.36
N LEU A 87 -6.49 21.42 -16.76
CA LEU A 87 -7.84 20.94 -16.94
C LEU A 87 -8.33 20.31 -15.61
N CYS A 88 -7.50 19.47 -14.99
CA CYS A 88 -7.75 18.84 -13.70
C CYS A 88 -6.48 18.09 -13.27
N ASP A 89 -6.43 17.70 -12.00
CA ASP A 89 -5.32 16.90 -11.49
C ASP A 89 -5.74 16.03 -10.36
N ILE A 90 -4.83 15.13 -9.98
CA ILE A 90 -5.07 14.22 -8.92
C ILE A 90 -3.73 13.88 -8.24
N ARG A 91 -3.76 13.79 -6.90
CA ARG A 91 -2.57 13.30 -6.16
C ARG A 91 -2.17 11.87 -6.55
N HIS A 92 -0.88 11.64 -6.67
CA HIS A 92 -0.33 10.32 -6.99
C HIS A 92 0.69 9.96 -5.92
N HIS A 93 0.47 8.86 -5.22
CA HIS A 93 1.39 8.41 -4.18
CA HIS A 93 1.40 8.44 -4.18
C HIS A 93 2.56 7.66 -4.81
N GLY A 94 3.77 8.08 -4.45
CA GLY A 94 5.01 7.66 -5.07
C GLY A 94 5.34 8.54 -6.27
N ASP A 95 6.55 8.40 -6.79
CA ASP A 95 6.93 9.10 -8.02
C ASP A 95 6.20 8.45 -9.20
N VAL A 96 5.88 9.24 -10.20
CA VAL A 96 5.32 8.71 -11.42
C VAL A 96 6.51 8.19 -12.25
N MET A 97 6.62 6.87 -12.34
CA MET A 97 7.73 6.20 -13.04
C MET A 97 7.45 6.02 -14.53
N ASP A 98 6.18 5.87 -14.88
CA ASP A 98 5.73 5.77 -16.23
C ASP A 98 4.27 6.10 -16.29
N LEU A 99 3.80 6.41 -17.50
CA LEU A 99 2.52 6.90 -17.75
C LEU A 99 2.18 6.60 -19.22
N GLN A 100 0.95 6.12 -19.47
CA GLN A 100 0.48 5.88 -20.81
C GLN A 100 -1.01 6.05 -20.85
N PHE A 101 -1.56 6.58 -21.95
CA PHE A 101 -2.95 6.49 -22.17
C PHE A 101 -3.33 5.08 -22.60
N PHE A 102 -4.39 4.56 -22.01
CA PHE A 102 -4.96 3.26 -22.35
C PHE A 102 -6.04 3.46 -23.42
N ASP A 103 -6.83 4.51 -23.27
CA ASP A 103 -7.74 4.98 -24.30
C ASP A 103 -7.97 6.49 -24.06
N GLN A 104 -8.98 7.08 -24.68
CA GLN A 104 -9.14 8.54 -24.57
C GLN A 104 -9.36 9.01 -23.14
N GLU A 105 -10.01 8.17 -22.32
CA GLU A 105 -10.43 8.54 -20.98
C GLU A 105 -9.65 7.86 -19.85
N ARG A 106 -8.79 6.89 -20.16
CA ARG A 106 -8.09 6.15 -19.11
C ARG A 106 -6.61 6.28 -19.27
N ILE A 107 -5.96 6.62 -18.15
CA ILE A 107 -4.53 6.84 -18.09
CA ILE A 107 -4.51 6.76 -18.17
C ILE A 107 -3.93 5.84 -17.11
N VAL A 108 -2.89 5.13 -17.49
CA VAL A 108 -2.25 4.14 -16.61
C VAL A 108 -0.95 4.69 -16.08
N ALA A 109 -0.77 4.65 -14.77
CA ALA A 109 0.47 5.13 -14.13
C ALA A 109 1.17 4.06 -13.32
N ALA A 110 2.50 4.09 -13.37
CA ALA A 110 3.35 3.18 -12.63
C ALA A 110 3.93 4.02 -11.49
N SER A 111 3.91 3.48 -10.28
CA SER A 111 4.47 4.23 -9.13
C SER A 111 5.78 3.60 -8.65
N SER A 112 6.62 4.41 -8.02
CA SER A 112 7.82 3.94 -7.27
C SER A 112 7.47 3.00 -6.10
N THR A 113 6.20 3.02 -5.66
CA THR A 113 5.71 2.10 -4.63
C THR A 113 5.43 0.68 -5.11
N GLY A 114 5.47 0.49 -6.42
CA GLY A 114 5.10 -0.76 -7.08
C GLY A 114 3.68 -0.84 -7.60
N CYS A 115 2.85 0.12 -7.22
CA CYS A 115 1.42 0.14 -7.58
C CYS A 115 1.26 0.56 -9.04
N VAL A 116 0.35 -0.10 -9.77
CA VAL A 116 -0.07 0.29 -11.13
C VAL A 116 -1.55 0.74 -11.04
N THR A 117 -1.86 1.92 -11.56
CA THR A 117 -3.18 2.52 -11.38
C THR A 117 -3.75 2.96 -12.71
N VAL A 118 -5.01 2.64 -12.94
CA VAL A 118 -5.79 3.25 -14.00
C VAL A 118 -6.60 4.42 -13.45
N PHE A 119 -6.33 5.62 -13.95
CA PHE A 119 -7.09 6.79 -13.63
C PHE A 119 -8.10 7.02 -14.73
N LEU A 120 -9.28 7.48 -14.37
CA LEU A 120 -10.33 7.78 -15.33
C LEU A 120 -10.51 9.27 -15.40
N HIS A 121 -10.42 9.81 -16.61
CA HIS A 121 -10.80 11.19 -16.90
C HIS A 121 -12.27 11.16 -17.36
N HIS A 122 -13.17 11.76 -16.61
CA HIS A 122 -14.58 11.60 -16.95
C HIS A 122 -14.92 12.28 -18.31
N PRO A 123 -15.61 11.51 -19.23
CA PRO A 123 -15.99 12.01 -20.56
C PRO A 123 -16.86 13.29 -20.52
N ASN A 124 -17.79 13.36 -19.56
CA ASN A 124 -18.65 14.57 -19.37
C ASN A 124 -18.09 15.72 -18.44
N ASN A 125 -17.63 15.40 -17.22
CA ASN A 125 -17.31 16.42 -16.20
C ASN A 125 -15.83 16.76 -16.13
N GLN A 126 -14.98 16.08 -16.89
CA GLN A 126 -13.53 16.38 -16.87
C GLN A 126 -13.04 16.60 -15.38
N THR A 127 -12.95 15.50 -14.68
CA THR A 127 -12.23 15.39 -13.41
C THR A 127 -11.49 14.05 -13.57
N LEU A 128 -10.49 13.81 -12.72
CA LEU A 128 -9.75 12.53 -12.67
C LEU A 128 -10.12 11.76 -11.42
N SER A 129 -10.22 10.45 -11.52
CA SER A 129 -10.51 9.60 -10.39
C SER A 129 -9.75 8.28 -10.53
N VAL A 130 -9.50 7.61 -9.41
CA VAL A 130 -8.90 6.29 -9.43
C VAL A 130 -9.96 5.29 -9.90
N ASN A 131 -9.69 4.61 -11.01
CA ASN A 131 -10.69 3.69 -11.58
C ASN A 131 -10.46 2.26 -11.14
N GLN A 132 -9.20 1.82 -11.20
CA GLN A 132 -8.79 0.54 -10.68
C GLN A 132 -7.31 0.51 -10.48
N GLN A 133 -6.86 -0.42 -9.67
CA GLN A 133 -5.42 -0.50 -9.42
C GLN A 133 -4.99 -1.88 -9.02
N TRP A 134 -3.70 -2.14 -9.22
CA TRP A 134 -3.05 -3.36 -8.81
C TRP A 134 -1.93 -2.94 -7.88
N THR A 135 -2.22 -2.95 -6.57
CA THR A 135 -1.29 -2.34 -5.58
C THR A 135 -0.07 -3.21 -5.35
N THR A 136 -0.17 -4.46 -5.73
CA THR A 136 0.92 -5.41 -5.60
C THR A 136 1.41 -5.86 -6.97
N ALA A 137 1.37 -4.97 -7.95
CA ALA A 137 1.95 -5.28 -9.25
C ALA A 137 3.41 -5.69 -9.10
N HIS A 138 4.16 -4.91 -8.30
CA HIS A 138 5.59 -5.13 -8.10
C HIS A 138 5.90 -4.98 -6.60
N TYR A 139 6.76 -5.84 -6.10
CA TYR A 139 7.05 -5.87 -4.65
C TYR A 139 8.20 -6.80 -4.43
N HIS A 140 8.89 -6.61 -3.29
CA HIS A 140 9.92 -7.53 -2.85
C HIS A 140 9.37 -8.41 -1.69
N THR A 141 9.65 -9.71 -1.74
CA THR A 141 9.22 -10.66 -0.70
C THR A 141 10.39 -11.54 -0.33
N SER A 149 8.86 -5.59 1.05
CA SER A 149 9.59 -4.39 0.71
C SER A 149 9.07 -3.83 -0.63
N SER A 150 9.07 -2.50 -0.80
CA SER A 150 8.51 -1.92 -2.03
C SER A 150 9.49 -2.00 -3.20
N ALA A 151 8.96 -2.35 -4.35
CA ALA A 151 9.72 -2.45 -5.60
C ALA A 151 9.06 -1.56 -6.62
N PRO A 152 9.80 -0.57 -7.15
CA PRO A 152 9.25 0.31 -8.15
C PRO A 152 8.79 -0.39 -9.42
N CYS A 153 7.64 0.04 -9.92
CA CYS A 153 7.18 -0.32 -11.23
C CYS A 153 7.90 0.68 -12.17
N THR A 154 8.67 0.14 -13.11
CA THR A 154 9.57 0.99 -13.91
C THR A 154 9.03 1.27 -15.31
N GLY A 155 8.08 0.46 -15.77
CA GLY A 155 7.55 0.65 -17.11
C GLY A 155 6.20 0.05 -17.32
N VAL A 156 5.39 0.74 -18.13
CA VAL A 156 4.09 0.25 -18.54
CA VAL A 156 4.08 0.23 -18.55
C VAL A 156 3.79 0.56 -20.01
N VAL A 157 3.16 -0.37 -20.69
CA VAL A 157 2.66 -0.15 -22.06
C VAL A 157 1.25 -0.68 -22.13
N CYS A 158 0.45 -0.06 -22.99
CA CYS A 158 -0.91 -0.38 -23.12
C CYS A 158 -1.27 -0.79 -24.52
N ASN A 159 -2.11 -1.81 -24.61
CA ASN A 159 -2.79 -2.17 -25.85
CA ASN A 159 -2.80 -2.16 -25.84
C ASN A 159 -4.18 -2.66 -25.50
N ASN A 160 -5.10 -1.70 -25.31
CA ASN A 160 -6.44 -1.94 -24.79
C ASN A 160 -7.04 -3.20 -25.38
N PRO A 161 -7.48 -4.15 -24.53
CA PRO A 161 -7.71 -4.06 -23.08
C PRO A 161 -6.53 -4.49 -22.20
N GLU A 162 -5.42 -4.81 -22.84
CA GLU A 162 -4.21 -5.22 -22.10
C GLU A 162 -3.28 -4.11 -21.63
N ILE A 163 -2.67 -4.37 -20.47
CA ILE A 163 -1.70 -3.50 -19.85
C ILE A 163 -0.53 -4.41 -19.42
N VAL A 164 0.67 -4.04 -19.79
CA VAL A 164 1.90 -4.76 -19.44
C VAL A 164 2.79 -3.90 -18.61
N THR A 165 3.33 -4.46 -17.53
CA THR A 165 4.16 -3.70 -16.61
C THR A 165 5.40 -4.47 -16.28
N VAL A 166 6.48 -3.74 -16.00
CA VAL A 166 7.73 -4.35 -15.53
C VAL A 166 8.21 -3.58 -14.32
N GLY A 167 9.04 -4.21 -13.51
CA GLY A 167 9.53 -3.53 -12.32
C GLY A 167 10.81 -4.06 -11.80
N GLU A 168 11.30 -3.45 -10.70
CA GLU A 168 12.60 -3.82 -10.13
C GLU A 168 12.62 -5.15 -9.39
N ASP A 169 11.45 -5.78 -9.20
CA ASP A 169 11.38 -7.12 -8.63
C ASP A 169 11.60 -8.21 -9.69
N GLY A 170 11.76 -7.80 -10.94
CA GLY A 170 11.87 -8.77 -12.08
C GLY A 170 10.54 -9.38 -12.54
N ARG A 171 9.41 -8.91 -12.03
CA ARG A 171 8.13 -9.38 -12.48
C ARG A 171 7.71 -8.62 -13.74
N ILE A 172 7.09 -9.39 -14.65
CA ILE A 172 6.51 -8.89 -15.89
C ILE A 172 5.05 -9.30 -15.82
N ASN A 173 4.18 -8.30 -15.73
CA ASN A 173 2.74 -8.54 -15.60
C ASN A 173 1.96 -8.24 -16.84
N LEU A 174 0.96 -9.06 -17.10
CA LEU A 174 -0.14 -8.72 -18.03
C LEU A 174 -1.41 -8.58 -17.20
N PHE A 175 -1.96 -7.36 -17.23
CA PHE A 175 -3.25 -7.03 -16.65
C PHE A 175 -4.28 -6.78 -17.75
N ARG A 176 -5.53 -6.97 -17.40
CA ARG A 176 -6.63 -6.62 -18.27
C ARG A 176 -7.60 -5.77 -17.43
N ALA A 177 -8.10 -4.71 -18.03
CA ALA A 177 -9.14 -3.89 -17.41
C ALA A 177 -10.26 -4.71 -16.80
N ASP A 178 -10.58 -4.36 -15.56
CA ASP A 178 -11.66 -4.94 -14.77
C ASP A 178 -11.40 -6.36 -14.31
N HIS A 179 -10.15 -6.87 -14.45
CA HIS A 179 -9.75 -8.12 -13.83
C HIS A 179 -8.91 -7.78 -12.62
N LYS A 180 -9.32 -8.27 -11.46
CA LYS A 180 -8.67 -7.89 -10.20
C LYS A 180 -7.24 -8.37 -10.10
N GLU A 181 -6.97 -9.53 -10.68
CA GLU A 181 -5.67 -10.14 -10.62
C GLU A 181 -5.03 -10.11 -12.00
N ALA A 182 -3.70 -10.09 -12.03
CA ALA A 182 -2.96 -10.28 -13.31
C ALA A 182 -3.51 -11.46 -14.11
N VAL A 183 -3.56 -11.30 -15.42
CA VAL A 183 -3.86 -12.41 -16.31
C VAL A 183 -2.71 -13.40 -16.27
N ARG A 184 -1.47 -12.88 -16.27
CA ARG A 184 -0.27 -13.67 -16.23
C ARG A 184 0.84 -12.83 -15.61
N THR A 185 1.64 -13.45 -14.78
CA THR A 185 2.87 -12.84 -14.32
C THR A 185 4.04 -13.77 -14.64
N ILE A 186 5.09 -13.21 -15.24
CA ILE A 186 6.35 -13.95 -15.46
C ILE A 186 7.31 -13.47 -14.40
N ASP A 187 7.85 -14.42 -13.64
CA ASP A 187 8.81 -14.15 -12.58
C ASP A 187 10.19 -14.31 -13.16
N ASN A 188 10.74 -13.22 -13.69
CA ASN A 188 12.06 -13.24 -14.26
C ASN A 188 13.08 -13.37 -13.11
N ALA A 189 13.95 -14.36 -13.23
CA ALA A 189 14.98 -14.68 -12.20
C ALA A 189 16.33 -13.89 -12.35
N ASP A 190 16.40 -12.95 -13.28
CA ASP A 190 17.64 -12.15 -13.53
C ASP A 190 18.14 -11.34 -12.33
N SER A 191 19.46 -11.25 -12.18
CA SER A 191 20.03 -10.38 -11.12
C SER A 191 20.01 -8.87 -11.56
N SER A 192 19.75 -8.61 -12.84
CA SER A 192 19.63 -7.22 -13.35
C SER A 192 18.23 -6.63 -13.05
N THR A 193 18.02 -5.37 -13.42
CA THR A 193 16.81 -4.64 -13.14
C THR A 193 16.16 -4.31 -14.48
N LEU A 194 14.87 -4.60 -14.62
CA LEU A 194 14.13 -4.22 -15.83
C LEU A 194 13.84 -2.73 -15.83
N HIS A 195 14.13 -2.08 -16.95
CA HIS A 195 13.99 -0.62 -17.07
C HIS A 195 12.84 -0.14 -17.97
N ALA A 196 12.48 -0.93 -18.98
CA ALA A 196 11.45 -0.52 -19.89
C ALA A 196 10.94 -1.73 -20.64
N VAL A 197 9.78 -1.57 -21.29
CA VAL A 197 9.09 -2.60 -22.02
C VAL A 197 8.36 -2.02 -23.24
N THR A 198 8.30 -2.79 -24.31
CA THR A 198 7.40 -2.49 -25.47
C THR A 198 6.71 -3.76 -25.95
N PHE A 199 5.54 -3.60 -26.58
CA PHE A 199 4.99 -4.66 -27.36
C PHE A 199 5.80 -4.84 -28.60
N LEU A 200 5.94 -6.10 -29.03
CA LEU A 200 6.37 -6.45 -30.39
C LEU A 200 5.08 -6.71 -31.17
N ARG A 201 4.73 -7.96 -31.49
CA ARG A 201 3.31 -8.28 -31.84
C ARG A 201 2.55 -8.93 -30.67
N THR A 202 1.57 -8.23 -30.05
CA THR A 202 0.84 -8.75 -28.84
C THR A 202 0.31 -10.17 -29.05
N PRO A 203 0.46 -11.06 -28.04
CA PRO A 203 0.93 -10.82 -26.66
C PRO A 203 2.47 -11.05 -26.50
N GLU A 204 3.24 -10.79 -27.57
CA GLU A 204 4.71 -10.77 -27.50
C GLU A 204 5.24 -9.41 -27.14
N ILE A 205 6.21 -9.40 -26.24
CA ILE A 205 6.79 -8.19 -25.71
C ILE A 205 8.32 -8.26 -25.67
N LEU A 206 8.94 -7.11 -25.50
CA LEU A 206 10.38 -7.01 -25.35
C LEU A 206 10.73 -6.06 -24.23
N THR A 207 11.64 -6.50 -23.39
CA THR A 207 12.07 -5.70 -22.27
C THR A 207 13.53 -5.32 -22.43
N VAL A 208 13.95 -4.25 -21.78
CA VAL A 208 15.40 -3.94 -21.67
C VAL A 208 15.79 -3.80 -20.19
N ASN A 209 17.06 -4.07 -19.89
CA ASN A 209 17.55 -4.08 -18.49
C ASN A 209 18.84 -3.34 -18.22
N SER A 210 19.22 -3.38 -16.95
CA SER A 210 20.32 -2.62 -16.43
C SER A 210 21.70 -3.12 -16.84
N ILE A 211 21.78 -4.26 -17.53
CA ILE A 211 23.02 -4.71 -18.10
C ILE A 211 23.02 -4.75 -19.64
N GLY A 212 22.03 -4.10 -20.25
CA GLY A 212 22.05 -3.89 -21.70
C GLY A 212 21.50 -5.02 -22.53
N GLN A 213 20.64 -5.85 -21.95
CA GLN A 213 20.00 -6.93 -22.69
C GLN A 213 18.59 -6.62 -23.05
N LEU A 214 18.22 -7.04 -24.25
CA LEU A 214 16.85 -7.05 -24.74
C LEU A 214 16.36 -8.48 -24.62
N LYS A 215 15.22 -8.67 -23.95
CA LYS A 215 14.66 -10.02 -23.81
C LYS A 215 13.25 -10.03 -24.32
N ILE A 216 12.90 -11.09 -25.04
CA ILE A 216 11.61 -11.26 -25.62
C ILE A 216 10.81 -12.32 -24.86
N TRP A 217 9.53 -12.02 -24.64
CA TRP A 217 8.66 -12.83 -23.85
C TRP A 217 7.28 -12.89 -24.53
N ASP A 218 6.47 -13.86 -24.11
CA ASP A 218 5.12 -14.09 -24.65
C ASP A 218 4.30 -14.56 -23.45
N PHE A 219 3.18 -13.89 -23.17
CA PHE A 219 2.34 -14.29 -22.03
C PHE A 219 1.61 -15.58 -22.18
N ARG A 220 1.63 -16.19 -23.37
CA ARG A 220 1.12 -17.53 -23.54
C ARG A 220 2.16 -18.62 -23.25
N GLN A 221 3.40 -18.22 -22.97
CA GLN A 221 4.49 -19.19 -22.83
C GLN A 221 4.38 -19.99 -21.52
N GLN A 222 4.94 -21.16 -21.56
CA GLN A 222 5.23 -21.96 -20.36
C GLN A 222 6.62 -21.56 -19.87
N GLY A 223 6.79 -21.60 -18.55
CA GLY A 223 8.03 -21.24 -17.90
C GLY A 223 8.26 -19.74 -17.81
N ASN A 224 9.44 -19.42 -17.27
CA ASN A 224 9.81 -18.01 -16.92
C ASN A 224 11.06 -17.55 -17.67
N GLU A 225 11.41 -18.20 -18.77
CA GLU A 225 12.59 -17.81 -19.54
C GLU A 225 12.21 -17.04 -20.78
N PRO A 226 13.11 -16.17 -21.24
CA PRO A 226 12.84 -15.46 -22.47
C PRO A 226 12.99 -16.38 -23.64
N SER A 227 12.39 -16.01 -24.76
CA SER A 227 12.53 -16.78 -25.98
C SER A 227 13.82 -16.45 -26.76
N GLN A 228 14.39 -15.29 -26.48
CA GLN A 228 15.52 -14.77 -27.21
C GLN A 228 16.11 -13.62 -26.41
N ILE A 229 17.44 -13.44 -26.51
CA ILE A 229 18.10 -12.31 -25.87
C ILE A 229 18.96 -11.63 -26.95
N LEU A 230 19.03 -10.31 -26.89
CA LEU A 230 19.99 -9.54 -27.67
C LEU A 230 20.68 -8.65 -26.69
N SER A 231 21.89 -8.22 -26.99
CA SER A 231 22.54 -7.28 -26.07
C SER A 231 23.63 -6.46 -26.68
N LEU A 232 24.04 -5.47 -25.89
CA LEU A 232 25.19 -4.66 -26.19
C LEU A 232 26.43 -5.54 -25.97
N THR A 233 27.57 -5.03 -26.37
CA THR A 233 28.86 -5.72 -26.14
C THR A 233 29.05 -6.27 -24.70
N GLY A 234 28.74 -5.42 -23.69
CA GLY A 234 29.10 -5.69 -22.28
C GLY A 234 27.96 -5.55 -21.27
N ASP A 235 28.29 -5.70 -19.98
CA ASP A 235 27.31 -5.67 -18.88
C ASP A 235 27.34 -4.33 -18.11
N ARG A 236 28.10 -3.36 -18.62
CA ARG A 236 28.40 -2.11 -17.91
C ARG A 236 27.48 -0.95 -18.29
N VAL A 237 26.62 -1.15 -19.31
CA VAL A 237 25.81 -0.08 -19.90
C VAL A 237 24.32 -0.44 -19.83
N PRO A 238 23.64 0.10 -18.81
CA PRO A 238 22.22 0.00 -18.72
C PRO A 238 21.51 0.55 -19.95
N LEU A 239 20.41 -0.11 -20.34
CA LEU A 239 19.44 0.45 -21.27
C LEU A 239 18.26 1.00 -20.51
N HIS A 240 17.85 2.21 -20.85
CA HIS A 240 16.72 2.85 -20.15
C HIS A 240 15.39 2.93 -20.85
N CYS A 241 15.36 2.81 -22.17
CA CYS A 241 14.16 3.00 -22.92
C CYS A 241 14.22 2.20 -24.21
N VAL A 242 13.05 1.91 -24.74
CA VAL A 242 12.87 1.14 -25.92
C VAL A 242 11.57 1.55 -26.60
N ASP A 243 11.52 1.48 -27.92
CA ASP A 243 10.29 1.72 -28.67
C ASP A 243 10.32 0.81 -29.88
N ARG A 244 9.17 0.30 -30.28
CA ARG A 244 9.07 -0.50 -31.46
C ARG A 244 8.68 0.42 -32.63
N HIS A 245 9.18 0.08 -33.80
CA HIS A 245 8.81 0.77 -35.01
C HIS A 245 7.34 0.49 -35.28
N PRO A 246 6.55 1.53 -35.66
CA PRO A 246 5.12 1.40 -35.80
C PRO A 246 4.68 0.45 -36.91
N ASN A 247 5.44 0.33 -37.96
CA ASN A 247 5.07 -0.52 -39.11
C ASN A 247 5.94 -1.76 -39.31
N GLN A 248 7.09 -1.84 -38.66
CA GLN A 248 7.99 -2.97 -38.84
C GLN A 248 8.13 -3.60 -37.46
N GLN A 249 7.32 -4.63 -37.20
CA GLN A 249 7.17 -5.15 -35.83
C GLN A 249 8.44 -5.82 -35.24
N HIS A 250 9.48 -5.98 -36.08
CA HIS A 250 10.75 -6.64 -35.71
CA HIS A 250 10.73 -6.63 -35.67
C HIS A 250 11.85 -5.62 -35.39
N VAL A 251 11.54 -4.32 -35.53
CA VAL A 251 12.56 -3.26 -35.40
C VAL A 251 12.32 -2.50 -34.11
N VAL A 252 13.32 -2.44 -33.24
CA VAL A 252 13.23 -1.60 -32.03
C VAL A 252 14.42 -0.65 -31.91
N ALA A 253 14.18 0.45 -31.22
CA ALA A 253 15.21 1.41 -30.87
C ALA A 253 15.35 1.44 -29.40
N THR A 254 16.58 1.52 -28.92
CA THR A 254 16.83 1.69 -27.49
C THR A 254 17.81 2.80 -27.20
N GLY A 255 17.71 3.32 -25.99
CA GLY A 255 18.58 4.36 -25.49
C GLY A 255 19.26 3.89 -24.22
N GLY A 256 20.52 4.28 -24.04
CA GLY A 256 21.37 3.78 -22.99
C GLY A 256 21.89 4.80 -22.00
N GLN A 257 22.49 4.28 -20.92
CA GLN A 257 23.18 5.06 -19.89
CA GLN A 257 23.10 5.11 -19.90
C GLN A 257 24.19 6.04 -20.48
N ASP A 258 24.83 5.60 -21.55
CA ASP A 258 25.89 6.34 -22.20
C ASP A 258 25.40 7.29 -23.29
N GLY A 259 24.08 7.38 -23.42
CA GLY A 259 23.46 8.34 -24.30
C GLY A 259 23.25 7.87 -25.73
N MET A 260 23.66 6.64 -26.05
CA MET A 260 23.67 6.19 -27.44
C MET A 260 22.37 5.62 -27.87
N LEU A 261 22.08 5.79 -29.17
CA LEU A 261 20.92 5.21 -29.79
C LEU A 261 21.34 3.95 -30.49
N SER A 262 20.64 2.85 -30.18
CA SER A 262 20.85 1.60 -30.86
C SER A 262 19.58 1.18 -31.56
N ILE A 263 19.76 0.60 -32.73
CA ILE A 263 18.67 0.09 -33.53
C ILE A 263 18.91 -1.40 -33.67
N TRP A 264 17.85 -2.16 -33.52
CA TRP A 264 17.92 -3.60 -33.48
C TRP A 264 16.89 -4.18 -34.39
N ASP A 265 17.21 -5.32 -34.97
CA ASP A 265 16.25 -6.14 -35.71
C ASP A 265 16.22 -7.48 -35.02
N VAL A 266 15.08 -7.81 -34.42
CA VAL A 266 15.03 -9.04 -33.59
C VAL A 266 15.14 -10.35 -34.41
N ARG A 267 14.99 -10.29 -35.72
CA ARG A 267 15.25 -11.47 -36.56
C ARG A 267 16.79 -11.73 -36.79
N GLN A 268 17.61 -10.73 -36.53
CA GLN A 268 19.03 -10.69 -36.94
C GLN A 268 19.97 -10.71 -35.72
N GLY A 269 20.50 -11.88 -35.40
CA GLY A 269 21.60 -12.02 -34.42
C GLY A 269 21.29 -11.64 -32.97
N THR A 270 22.35 -11.34 -32.22
CA THR A 270 22.29 -11.05 -30.76
C THR A 270 22.80 -9.67 -30.46
N MET A 271 23.04 -8.88 -31.52
CA MET A 271 23.64 -7.58 -31.38
C MET A 271 22.84 -6.53 -32.16
N PRO A 272 23.10 -5.24 -31.87
CA PRO A 272 22.41 -4.21 -32.60
C PRO A 272 22.79 -4.22 -34.11
N VAL A 273 21.89 -3.69 -34.92
CA VAL A 273 22.14 -3.38 -36.33
C VAL A 273 22.98 -2.08 -36.46
N SER A 274 22.66 -1.08 -35.62
CA SER A 274 23.28 0.26 -35.66
C SER A 274 23.47 0.76 -34.25
N LEU A 275 24.64 1.32 -33.98
CA LEU A 275 24.90 1.94 -32.70
C LEU A 275 25.41 3.37 -33.00
N LEU A 276 24.58 4.35 -32.68
CA LEU A 276 24.80 5.73 -33.07
C LEU A 276 25.11 6.60 -31.85
N LYS A 277 26.24 7.31 -31.93
CA LYS A 277 26.57 8.25 -30.86
C LYS A 277 25.48 9.30 -30.83
N ALA A 278 25.13 9.74 -29.63
CA ALA A 278 24.10 10.71 -29.49
C ALA A 278 24.40 11.60 -28.26
N HIS A 279 23.75 11.36 -27.15
CA HIS A 279 23.75 12.32 -26.07
C HIS A 279 24.96 12.18 -25.19
N GLU A 280 25.17 13.16 -24.34
CA GLU A 280 26.35 13.14 -23.46
C GLU A 280 26.05 12.49 -22.10
N ALA A 281 24.81 12.09 -21.86
CA ALA A 281 24.42 11.39 -20.66
C ALA A 281 23.24 10.49 -20.99
N GLU A 282 22.59 9.90 -19.98
CA GLU A 282 21.53 8.89 -20.19
C GLU A 282 20.48 9.34 -21.22
N MET A 283 20.12 8.48 -22.17
CA MET A 283 18.90 8.69 -22.94
C MET A 283 17.74 8.12 -22.13
N TRP A 284 16.79 8.98 -21.77
CA TRP A 284 15.67 8.58 -20.96
C TRP A 284 14.48 8.02 -21.76
N GLU A 285 14.15 8.61 -22.93
CA GLU A 285 13.07 8.10 -23.78
C GLU A 285 13.46 8.17 -25.27
N VAL A 286 12.87 7.27 -26.03
CA VAL A 286 13.03 7.20 -27.46
C VAL A 286 11.67 6.88 -28.05
N HIS A 287 11.27 7.62 -29.08
CA HIS A 287 9.99 7.39 -29.74
C HIS A 287 10.10 7.53 -31.22
N PHE A 288 9.63 6.53 -31.97
CA PHE A 288 9.38 6.68 -33.35
C PHE A 288 8.14 7.55 -33.50
N HIS A 289 8.16 8.44 -34.47
CA HIS A 289 6.95 9.16 -34.79
C HIS A 289 5.92 8.13 -35.27
N PRO A 290 4.68 8.21 -34.74
CA PRO A 290 3.72 7.08 -34.99
C PRO A 290 3.21 7.01 -36.38
N SER A 291 3.06 8.15 -37.06
CA SER A 291 2.55 8.10 -38.43
C SER A 291 3.64 8.24 -39.52
N ASN A 292 4.80 8.81 -39.18
CA ASN A 292 5.93 8.84 -40.11
C ASN A 292 7.21 8.51 -39.39
N PRO A 293 7.53 7.21 -39.30
CA PRO A 293 8.62 6.76 -38.44
C PRO A 293 10.02 6.94 -39.04
N GLU A 294 10.11 7.60 -40.19
CA GLU A 294 11.39 8.12 -40.64
C GLU A 294 11.89 9.21 -39.63
N HIS A 295 10.94 9.79 -38.86
CA HIS A 295 11.25 10.69 -37.75
C HIS A 295 11.27 9.96 -36.43
N LEU A 296 12.28 10.23 -35.62
CA LEU A 296 12.42 9.61 -34.32
C LEU A 296 12.90 10.68 -33.35
N PHE A 297 12.48 10.60 -32.11
CA PHE A 297 12.80 11.58 -31.07
C PHE A 297 13.41 10.96 -29.85
N THR A 298 14.44 11.62 -29.29
CA THR A 298 15.14 11.12 -28.11
C THR A 298 15.32 12.25 -27.12
N CYS A 299 15.42 11.92 -25.84
CA CYS A 299 15.72 12.96 -24.86
C CYS A 299 16.65 12.43 -23.81
N SER A 300 17.33 13.36 -23.13
CA SER A 300 18.45 13.00 -22.30
C SER A 300 18.56 13.79 -21.01
N GLU A 301 19.17 13.12 -20.02
CA GLU A 301 19.67 13.70 -18.79
C GLU A 301 20.54 14.89 -19.04
N ASP A 302 21.21 14.93 -20.18
CA ASP A 302 22.09 16.10 -20.48
C ASP A 302 21.29 17.39 -20.90
N GLY A 303 19.98 17.31 -20.96
CA GLY A 303 19.12 18.46 -21.21
C GLY A 303 18.69 18.64 -22.64
N SER A 304 18.94 17.66 -23.48
CA SER A 304 18.68 17.69 -24.92
CA SER A 304 18.58 17.78 -24.87
C SER A 304 17.43 16.90 -25.33
N LEU A 305 16.76 17.39 -26.35
CA LEU A 305 15.71 16.63 -27.04
CA LEU A 305 15.68 16.67 -27.04
C LEU A 305 16.01 16.74 -28.50
N TRP A 306 16.24 15.59 -29.12
CA TRP A 306 16.64 15.55 -30.52
C TRP A 306 15.56 14.98 -31.41
N HIS A 307 15.39 15.66 -32.51
CA HIS A 307 14.59 15.23 -33.62
C HIS A 307 15.52 14.65 -34.70
N TRP A 308 15.44 13.34 -34.89
CA TRP A 308 16.19 12.60 -35.92
C TRP A 308 15.31 12.41 -37.12
N ASP A 309 15.82 12.75 -38.29
CA ASP A 309 15.06 12.68 -39.53
C ASP A 309 15.92 11.84 -40.48
N ALA A 310 15.54 10.58 -40.59
CA ALA A 310 16.15 9.61 -41.60
C ALA A 310 15.43 9.60 -42.95
N SER A 311 14.57 10.58 -43.21
CA SER A 311 13.79 10.60 -44.46
C SER A 311 14.59 11.32 -45.55
N SER A 348 15.78 4.75 -43.90
CA SER A 348 15.55 3.56 -43.06
C SER A 348 16.63 3.37 -41.99
N TRP A 349 16.16 2.93 -40.85
CA TRP A 349 16.94 2.81 -39.63
C TRP A 349 17.86 1.58 -39.61
N LEU A 350 17.56 0.60 -40.46
CA LEU A 350 18.35 -0.63 -40.58
C LEU A 350 19.53 -0.58 -41.61
N SER A 351 19.60 0.48 -42.41
CA SER A 351 20.67 0.61 -43.42
C SER A 351 22.03 0.84 -42.76
N ARG A 358 22.43 9.38 -44.54
CA ARG A 358 22.67 10.64 -43.85
C ARG A 358 21.42 11.10 -43.02
N ILE A 359 21.41 10.74 -41.76
CA ILE A 359 20.37 11.19 -40.83
C ILE A 359 20.65 12.65 -40.44
N GLU A 360 19.59 13.46 -40.40
CA GLU A 360 19.65 14.87 -40.03
C GLU A 360 19.11 14.93 -38.60
N ILE A 361 19.77 15.69 -37.72
CA ILE A 361 19.34 15.82 -36.34
C ILE A 361 19.22 17.31 -36.01
N THR A 362 18.11 17.65 -35.35
CA THR A 362 17.89 18.98 -34.81
C THR A 362 17.66 18.87 -33.29
N SER A 363 18.33 19.73 -32.51
CA SER A 363 18.14 19.81 -31.05
C SER A 363 17.11 20.88 -30.78
N LEU A 364 16.00 20.52 -30.13
CA LEU A 364 14.78 21.38 -30.11
C LEU A 364 14.66 22.34 -28.93
N LEU A 365 15.35 22.03 -27.85
CA LEU A 365 15.25 22.82 -26.62
C LEU A 365 16.48 23.71 -26.47
N PRO A 366 16.38 24.76 -25.64
CA PRO A 366 17.50 25.63 -25.44
C PRO A 366 18.67 24.98 -24.72
N SER A 367 19.84 25.51 -25.00
CA SER A 367 21.11 25.22 -24.33
C SER A 367 20.93 25.23 -22.79
C SER A 367 21.15 25.05 -22.80
N ARG A 368 21.70 24.41 -22.08
N ARG A 368 20.34 25.80 -22.05
CA ARG A 368 21.68 24.47 -20.62
CA ARG A 368 20.43 25.81 -20.58
C ARG A 368 20.34 24.11 -19.97
C ARG A 368 19.48 24.83 -19.90
N SER A 369 19.48 23.36 -20.68
N SER A 369 19.05 23.81 -20.62
CA SER A 369 18.21 22.84 -20.09
CA SER A 369 18.08 22.88 -20.06
C SER A 369 18.64 21.79 -19.09
N LEU A 370 17.86 21.53 -18.05
CA LEU A 370 18.13 20.41 -17.14
C LEU A 370 17.55 19.18 -17.81
N SER A 371 17.68 18.04 -17.16
CA SER A 371 17.26 16.76 -17.74
C SER A 371 15.87 16.82 -18.40
N VAL A 372 15.80 16.36 -19.62
CA VAL A 372 14.57 16.17 -20.31
C VAL A 372 14.20 14.69 -20.08
N ASN A 373 13.17 14.48 -19.29
CA ASN A 373 12.82 13.13 -18.79
C ASN A 373 11.95 12.34 -19.69
N THR A 374 11.26 13.01 -20.58
CA THR A 374 10.12 12.44 -21.26
C THR A 374 9.71 13.29 -22.45
N LEU A 375 9.12 12.68 -23.43
CA LEU A 375 8.53 13.36 -24.52
C LEU A 375 7.41 12.53 -25.09
N ASP A 376 6.54 13.20 -25.81
CA ASP A 376 5.53 12.51 -26.66
C ASP A 376 5.28 13.27 -27.93
N VAL A 377 5.02 12.55 -29.02
CA VAL A 377 4.74 13.16 -30.29
CA VAL A 377 4.77 13.12 -30.31
C VAL A 377 3.55 12.50 -30.95
N LEU A 378 2.71 13.34 -31.54
CA LEU A 378 1.54 12.93 -32.22
C LEU A 378 1.28 13.92 -33.32
N GLY A 379 1.29 13.46 -34.56
CA GLY A 379 1.13 14.37 -35.69
C GLY A 379 2.21 15.48 -35.59
N PRO A 380 1.82 16.73 -35.74
CA PRO A 380 2.86 17.81 -35.62
C PRO A 380 3.10 18.29 -34.20
N CYS A 381 2.62 17.56 -33.20
CA CYS A 381 2.63 18.04 -31.79
C CYS A 381 3.66 17.28 -30.98
N LEU A 382 4.47 18.04 -30.25
CA LEU A 382 5.45 17.51 -29.36
CA LEU A 382 5.47 17.52 -29.37
C LEU A 382 5.29 18.15 -27.99
N VAL A 383 5.36 17.33 -26.96
CA VAL A 383 5.38 17.80 -25.58
C VAL A 383 6.54 17.13 -24.87
N CYS A 384 7.17 17.81 -23.92
CA CYS A 384 8.21 17.18 -23.12
C CYS A 384 8.29 17.82 -21.78
N GLY A 385 8.95 17.15 -20.84
CA GLY A 385 8.95 17.59 -19.47
C GLY A 385 10.33 17.49 -18.92
N THR A 386 10.70 18.42 -18.04
CA THR A 386 12.09 18.49 -17.57
C THR A 386 12.21 18.64 -16.06
N ASP A 387 13.42 18.43 -15.57
CA ASP A 387 13.77 18.64 -14.17
C ASP A 387 13.89 20.12 -13.78
N ALA A 388 13.78 21.04 -14.74
CA ALA A 388 13.65 22.46 -14.40
C ALA A 388 12.20 22.86 -14.07
N GLU A 389 11.33 21.86 -13.95
CA GLU A 389 9.91 22.09 -13.64
C GLU A 389 9.21 22.79 -14.82
N ALA A 390 9.65 22.41 -16.03
CA ALA A 390 9.19 22.98 -17.30
C ALA A 390 8.52 21.92 -18.17
N ILE A 391 7.44 22.32 -18.85
CA ILE A 391 6.85 21.59 -19.92
C ILE A 391 7.09 22.45 -21.17
N TYR A 392 7.63 21.82 -22.24
CA TYR A 392 7.77 22.47 -23.56
C TYR A 392 6.79 21.84 -24.49
N VAL A 393 6.13 22.70 -25.28
CA VAL A 393 5.14 22.26 -26.25
C VAL A 393 5.37 22.93 -27.60
N THR A 394 5.18 22.18 -28.69
CA THR A 394 4.89 22.79 -30.00
C THR A 394 3.75 22.02 -30.63
N ARG A 395 2.89 22.72 -31.33
CA ARG A 395 1.87 22.04 -32.12
C ARG A 395 2.17 22.19 -33.60
N HIS A 396 3.42 22.57 -33.90
CA HIS A 396 3.78 22.94 -35.28
C HIS A 396 5.19 22.47 -35.62
N LEU A 397 5.45 21.20 -35.40
CA LEU A 397 6.80 20.71 -35.54
CA LEU A 397 6.80 20.64 -35.58
C LEU A 397 7.25 20.85 -36.99
N PHE A 398 6.31 20.78 -37.94
CA PHE A 398 6.64 20.76 -39.37
C PHE A 398 6.14 21.96 -40.20
N SER A 399 5.86 23.10 -39.56
CA SER A 399 5.34 24.29 -40.22
C SER A 399 5.88 25.58 -39.57
N ILE B 23 -8.27 -18.84 38.82
CA ILE B 23 -8.39 -17.43 38.46
C ILE B 23 -8.49 -16.64 39.79
N TYR B 24 -8.04 -15.39 39.77
CA TYR B 24 -8.12 -14.52 40.94
C TYR B 24 -8.14 -13.08 40.49
N ALA B 25 -8.62 -12.22 41.38
CA ALA B 25 -8.66 -10.78 41.10
C ALA B 25 -7.70 -10.01 41.96
N LYS B 26 -7.18 -8.92 41.41
CA LYS B 26 -6.43 -7.95 42.16
C LYS B 26 -7.05 -6.61 41.92
N PHE B 27 -7.22 -5.81 42.96
CA PHE B 27 -7.78 -4.48 42.79
C PHE B 27 -6.71 -3.44 42.74
N VAL B 28 -6.78 -2.57 41.74
CA VAL B 28 -5.68 -1.68 41.44
C VAL B 28 -6.02 -0.19 41.41
N SER B 29 -7.19 0.17 41.88
CA SER B 29 -7.54 1.59 42.15
C SER B 29 -7.74 2.48 40.91
N GLN B 30 -7.74 1.88 39.72
CA GLN B 30 -8.06 2.60 38.47
C GLN B 30 -8.80 1.65 37.56
N LYS B 31 -9.72 2.20 36.78
CA LYS B 31 -10.39 1.44 35.75
C LYS B 31 -9.38 1.11 34.67
N ILE B 32 -9.25 -0.18 34.39
CA ILE B 32 -8.29 -0.69 33.43
C ILE B 32 -8.92 -0.87 32.02
N SER B 33 -8.45 -0.05 31.08
CA SER B 33 -8.92 -0.13 29.69
C SER B 33 -8.23 -1.19 28.87
N LYS B 34 -6.95 -1.47 29.16
CA LYS B 34 -6.13 -2.37 28.36
C LYS B 34 -5.19 -3.19 29.20
N THR B 35 -5.02 -4.48 28.83
CA THR B 35 -4.08 -5.40 29.48
C THR B 35 -3.41 -6.20 28.39
N ARG B 36 -2.09 -6.31 28.43
CA ARG B 36 -1.32 -7.05 27.47
C ARG B 36 -0.18 -7.77 28.15
N TRP B 37 0.01 -9.04 27.80
CA TRP B 37 1.19 -9.77 28.26
C TRP B 37 2.46 -9.30 27.51
N ARG B 38 3.56 -9.21 28.24
CA ARG B 38 4.85 -9.05 27.62
C ARG B 38 5.16 -10.35 26.87
N PRO B 39 5.58 -10.26 25.61
CA PRO B 39 5.98 -11.50 24.90
C PRO B 39 7.13 -12.18 25.55
N LEU B 40 7.19 -13.50 25.39
CA LEU B 40 8.26 -14.28 25.97
C LEU B 40 9.50 -14.27 25.07
N PRO B 41 10.68 -14.32 25.69
CA PRO B 41 11.90 -14.44 24.86
C PRO B 41 11.83 -15.65 23.92
N PRO B 42 12.23 -15.49 22.64
N PRO B 42 12.34 -15.49 22.66
CA PRO B 42 12.33 -16.65 21.75
CA PRO B 42 12.38 -16.55 21.64
C PRO B 42 12.96 -17.87 22.42
C PRO B 42 12.78 -17.91 22.21
N GLY B 43 12.31 -19.02 22.26
N GLY B 43 13.77 -17.91 23.10
CA GLY B 43 12.80 -20.28 22.82
CA GLY B 43 14.15 -19.12 23.80
C GLY B 43 12.66 -20.38 24.33
C GLY B 43 13.51 -19.13 25.18
N SER B 44 11.81 -19.55 24.93
N SER B 44 12.21 -19.45 25.23
CA SER B 44 11.56 -19.66 26.38
CA SER B 44 11.49 -19.56 26.50
C SER B 44 10.63 -20.83 26.61
N LEU B 45 10.84 -21.55 27.72
CA LEU B 45 9.96 -22.64 28.11
C LEU B 45 9.03 -22.17 29.26
N GLN B 46 9.18 -20.90 29.68
CA GLN B 46 8.43 -20.36 30.80
C GLN B 46 7.10 -19.90 30.27
N THR B 47 6.13 -19.69 31.13
CA THR B 47 4.88 -19.07 30.69
C THR B 47 4.87 -17.60 31.11
N ALA B 48 3.97 -16.85 30.54
CA ALA B 48 3.91 -15.40 30.72
C ALA B 48 3.75 -15.03 32.20
N GLU B 49 4.50 -14.02 32.62
CA GLU B 49 4.53 -13.60 34.01
C GLU B 49 4.45 -12.06 34.18
N THR B 50 4.65 -11.31 33.09
CA THR B 50 4.68 -9.84 33.13
C THR B 50 3.68 -9.30 32.17
N PHE B 51 2.90 -8.30 32.60
CA PHE B 51 1.89 -7.68 31.78
C PHE B 51 1.84 -6.17 32.00
N ALA B 52 1.34 -5.48 30.99
CA ALA B 52 1.19 -4.04 31.01
C ALA B 52 -0.30 -3.71 31.13
N THR B 53 -0.59 -2.62 31.80
CA THR B 53 -1.97 -2.10 31.83
C THR B 53 -1.99 -0.65 31.42
N GLY B 54 -3.14 -0.23 30.88
CA GLY B 54 -3.44 1.15 30.68
C GLY B 54 -4.78 1.45 31.36
N SER B 55 -4.90 2.64 31.88
CA SER B 55 -6.12 3.04 32.61
C SER B 55 -6.89 4.12 31.86
N TRP B 56 -8.15 4.30 32.25
CA TRP B 56 -8.99 5.34 31.66
C TRP B 56 -9.91 5.96 32.70
N ASP B 57 -10.42 7.14 32.39
CA ASP B 57 -11.46 7.79 33.19
C ASP B 57 -10.97 8.39 34.53
N ASN B 58 -9.67 8.65 34.63
CA ASN B 58 -9.06 9.35 35.77
C ASN B 58 -8.47 10.66 35.28
N GLU B 59 -8.30 11.60 36.21
CA GLU B 59 -7.54 12.82 35.92
CA GLU B 59 -7.53 12.83 35.93
C GLU B 59 -6.09 12.47 35.56
N GLU B 60 -5.55 11.45 36.26
CA GLU B 60 -4.23 10.91 35.97
C GLU B 60 -4.36 9.45 35.59
N ASN B 61 -4.19 9.18 34.31
CA ASN B 61 -4.13 7.82 33.81
C ASN B 61 -2.69 7.35 33.76
N TYR B 62 -2.50 6.03 33.78
CA TYR B 62 -1.16 5.45 33.78
C TYR B 62 -1.02 4.26 32.89
N ILE B 63 0.19 4.10 32.41
CA ILE B 63 0.68 2.87 31.81
CA ILE B 63 0.65 2.85 31.84
C ILE B 63 1.53 2.23 32.89
N SER B 64 1.27 0.95 33.17
CA SER B 64 1.88 0.26 34.30
C SER B 64 2.39 -1.10 33.86
N LEU B 65 3.53 -1.54 34.40
CA LEU B 65 4.06 -2.87 34.17
C LEU B 65 4.05 -3.63 35.48
N TRP B 66 3.56 -4.85 35.41
CA TRP B 66 3.38 -5.71 36.55
C TRP B 66 4.02 -7.08 36.33
N SER B 67 4.56 -7.67 37.38
CA SER B 67 4.97 -9.07 37.35
C SER B 67 4.28 -9.90 38.39
N ILE B 68 4.07 -11.15 38.03
CA ILE B 68 3.42 -12.12 38.90
C ILE B 68 4.43 -13.04 39.51
N GLY B 69 4.37 -13.20 40.83
CA GLY B 69 5.36 -13.99 41.56
C GLY B 69 4.92 -15.44 41.71
N ASP B 70 5.90 -16.32 41.90
CA ASP B 70 5.69 -17.77 41.99
C ASP B 70 5.84 -18.26 43.44
N GLU B 81 -5.49 -16.02 45.44
CA GLU B 81 -4.82 -14.72 45.27
C GLU B 81 -3.26 -14.83 45.01
N GLY B 82 -2.81 -14.32 43.87
CA GLY B 82 -1.38 -14.19 43.56
C GLY B 82 -0.69 -13.01 44.25
N ASP B 83 0.62 -12.92 44.06
CA ASP B 83 1.40 -11.81 44.52
C ASP B 83 1.79 -11.04 43.26
N HIS B 84 1.39 -9.76 43.15
CA HIS B 84 1.79 -8.92 42.01
C HIS B 84 2.71 -7.85 42.49
N GLN B 85 3.63 -7.50 41.63
CA GLN B 85 4.62 -6.54 41.94
C GLN B 85 4.45 -5.47 40.88
N LEU B 86 4.30 -4.21 41.29
CA LEU B 86 4.34 -3.12 40.29
C LEU B 86 5.79 -2.87 39.96
N LEU B 87 6.17 -3.11 38.72
CA LEU B 87 7.55 -2.84 38.30
C LEU B 87 7.80 -1.37 38.11
N CYS B 88 6.95 -0.72 37.34
CA CYS B 88 7.06 0.72 37.13
C CYS B 88 5.81 1.21 36.50
N ASP B 89 5.64 2.53 36.47
CA ASP B 89 4.53 3.11 35.76
C ASP B 89 4.91 4.47 35.23
N ILE B 90 4.06 5.03 34.40
CA ILE B 90 4.29 6.31 33.82
C ILE B 90 2.95 6.96 33.53
N ARG B 91 2.88 8.25 33.82
CA ARG B 91 1.65 8.98 33.49
C ARG B 91 1.37 8.99 31.98
N HIS B 92 0.12 8.75 31.62
CA HIS B 92 -0.32 8.78 30.24
C HIS B 92 -1.39 9.84 30.17
N HIS B 93 -1.17 10.82 29.32
CA HIS B 93 -2.09 11.93 29.17
C HIS B 93 -3.16 11.51 28.19
N GLY B 94 -4.43 11.67 28.60
CA GLY B 94 -5.55 11.07 27.85
C GLY B 94 -5.87 9.67 28.36
N ASP B 95 -7.07 9.19 28.02
CA ASP B 95 -7.41 7.84 28.26
C ASP B 95 -6.56 6.94 27.38
N VAL B 96 -6.15 5.80 27.94
CA VAL B 96 -5.51 4.76 27.13
C VAL B 96 -6.58 4.03 26.32
N MET B 97 -6.55 4.31 25.03
CA MET B 97 -7.55 3.77 24.13
C MET B 97 -7.15 2.43 23.58
N ASP B 98 -5.84 2.21 23.41
CA ASP B 98 -5.35 0.89 22.97
C ASP B 98 -3.89 0.79 23.37
N LEU B 99 -3.38 -0.43 23.36
CA LEU B 99 -2.08 -0.75 23.89
C LEU B 99 -1.62 -2.05 23.25
N GLN B 100 -0.36 -2.10 22.81
CA GLN B 100 0.20 -3.32 22.28
C GLN B 100 1.68 -3.31 22.57
N PHE B 101 2.24 -4.49 22.79
CA PHE B 101 3.70 -4.63 22.81
C PHE B 101 4.24 -4.64 21.37
N PHE B 102 5.30 -3.88 21.17
CA PHE B 102 5.98 -3.78 19.89
C PHE B 102 7.11 -4.78 19.90
N ASP B 103 7.83 -4.85 21.02
CA ASP B 103 8.84 -5.90 21.25
C ASP B 103 8.91 -6.14 22.76
N GLN B 104 9.92 -6.79 23.25
CA GLN B 104 10.04 -7.10 24.68
CA GLN B 104 9.89 -7.11 24.67
C GLN B 104 9.97 -5.86 25.57
N GLU B 105 10.60 -4.78 25.09
CA GLU B 105 10.78 -3.57 25.92
C GLU B 105 9.97 -2.36 25.47
N ARG B 106 9.26 -2.46 24.35
CA ARG B 106 8.55 -1.30 23.81
C ARG B 106 7.07 -1.56 23.73
N ILE B 107 6.31 -0.58 24.23
CA ILE B 107 4.89 -0.67 24.38
C ILE B 107 4.29 0.50 23.61
N VAL B 108 3.36 0.26 22.73
CA VAL B 108 2.73 1.35 21.98
C VAL B 108 1.34 1.61 22.53
N ALA B 109 1.06 2.88 22.83
CA ALA B 109 -0.22 3.30 23.37
C ALA B 109 -0.89 4.33 22.44
N ALA B 110 -2.22 4.28 22.40
CA ALA B 110 -3.08 5.20 21.65
C ALA B 110 -3.82 6.03 22.71
N SER B 111 -3.85 7.34 22.56
CA SER B 111 -4.52 8.22 23.52
C SER B 111 -5.84 8.77 22.96
N SER B 112 -6.75 9.07 23.86
CA SER B 112 -7.94 9.84 23.51
C SER B 112 -7.61 11.20 22.93
N THR B 113 -6.38 11.72 23.18
CA THR B 113 -5.95 12.98 22.61
C THR B 113 -5.56 12.91 21.14
N GLY B 114 -5.44 11.69 20.63
CA GLY B 114 -4.99 11.41 19.27
C GLY B 114 -3.49 11.12 19.17
N CYS B 115 -2.76 11.28 20.27
CA CYS B 115 -1.31 10.97 20.33
C CYS B 115 -1.10 9.45 20.33
N VAL B 116 -0.08 9.00 19.60
CA VAL B 116 0.39 7.63 19.62
C VAL B 116 1.83 7.66 20.16
N THR B 117 2.11 6.81 21.13
CA THR B 117 3.37 6.88 21.85
C THR B 117 3.98 5.50 21.93
N VAL B 118 5.29 5.46 21.70
CA VAL B 118 6.07 4.28 22.04
C VAL B 118 6.80 4.50 23.36
N PHE B 119 6.42 3.75 24.39
CA PHE B 119 7.10 3.71 25.66
C PHE B 119 8.19 2.63 25.64
N LEU B 120 9.28 2.93 26.32
CA LEU B 120 10.40 2.03 26.41
C LEU B 120 10.60 1.67 27.87
N HIS B 121 10.62 0.39 28.13
CA HIS B 121 10.94 -0.14 29.43
C HIS B 121 12.43 -0.35 29.57
N HIS B 122 13.00 0.10 30.71
CA HIS B 122 14.42 -0.07 31.04
C HIS B 122 14.47 -1.06 32.20
N PRO B 123 14.77 -2.34 31.91
CA PRO B 123 14.68 -3.32 32.98
C PRO B 123 15.75 -3.13 34.04
N ASN B 124 16.94 -2.59 33.68
CA ASN B 124 18.05 -2.45 34.61
C ASN B 124 17.65 -1.65 35.86
N ASN B 125 16.84 -0.59 35.66
CA ASN B 125 16.44 0.27 36.77
C ASN B 125 14.92 0.42 36.88
N GLN B 126 14.20 -0.47 36.19
CA GLN B 126 12.74 -0.53 36.20
C GLN B 126 12.11 0.83 36.08
N THR B 127 12.39 1.49 34.97
CA THR B 127 11.77 2.73 34.63
C THR B 127 11.12 2.61 33.26
N LEU B 128 10.17 3.52 33.00
CA LEU B 128 9.55 3.68 31.69
C LEU B 128 9.90 5.07 31.16
N SER B 129 10.17 5.17 29.88
CA SER B 129 10.40 6.45 29.26
C SER B 129 9.64 6.53 27.97
N VAL B 130 9.54 7.74 27.44
CA VAL B 130 8.97 7.92 26.12
C VAL B 130 10.07 7.78 25.07
N ASN B 131 9.92 6.79 24.20
CA ASN B 131 10.95 6.48 23.16
C ASN B 131 10.75 7.33 21.93
N GLN B 132 9.51 7.36 21.46
CA GLN B 132 9.09 8.21 20.34
C GLN B 132 7.58 8.41 20.36
N GLN B 133 7.13 9.46 19.71
CA GLN B 133 5.71 9.71 19.67
C GLN B 133 5.32 10.54 18.51
N TRP B 134 4.04 10.42 18.16
CA TRP B 134 3.40 11.11 17.03
C TRP B 134 2.20 11.79 17.61
N THR B 135 2.40 13.04 18.02
CA THR B 135 1.35 13.74 18.79
C THR B 135 0.15 14.14 17.93
N THR B 136 0.36 14.21 16.63
CA THR B 136 -0.72 14.52 15.70
C THR B 136 -1.08 13.32 14.82
N ALA B 137 -1.07 12.11 15.40
CA ALA B 137 -1.42 10.94 14.63
C ALA B 137 -2.89 11.07 14.21
N HIS B 138 -3.75 11.53 15.13
CA HIS B 138 -5.17 11.70 14.83
C HIS B 138 -5.62 13.09 15.28
N TYR B 139 -6.42 13.74 14.45
CA TYR B 139 -6.88 15.10 14.75
C TYR B 139 -8.03 15.45 13.82
N HIS B 140 -8.80 16.46 14.20
CA HIS B 140 -9.95 16.92 13.37
C HIS B 140 -9.63 18.18 12.57
N SER B 149 -8.56 20.14 15.83
CA SER B 149 -8.80 19.80 17.23
C SER B 149 -8.60 18.30 17.44
N SER B 150 -8.64 17.84 18.70
CA SER B 150 -8.22 16.48 19.04
C SER B 150 -9.27 15.40 18.66
N ALA B 151 -8.76 14.27 18.17
CA ALA B 151 -9.58 13.17 17.73
C ALA B 151 -8.96 11.92 18.34
N PRO B 152 -9.73 11.13 19.10
CA PRO B 152 -9.15 9.95 19.73
C PRO B 152 -8.52 8.96 18.73
N CYS B 153 -7.36 8.44 19.08
CA CYS B 153 -6.78 7.26 18.36
C CYS B 153 -7.45 6.08 18.98
N THR B 154 -8.16 5.29 18.16
CA THR B 154 -9.00 4.22 18.66
C THR B 154 -8.39 2.87 18.59
N GLY B 155 -7.33 2.71 17.80
CA GLY B 155 -6.72 1.38 17.64
C GLY B 155 -5.35 1.42 17.11
N VAL B 156 -4.50 0.50 17.61
CA VAL B 156 -3.09 0.38 17.20
CA VAL B 156 -3.13 0.39 17.17
C VAL B 156 -2.78 -1.09 17.08
N VAL B 157 -2.04 -1.45 16.05
CA VAL B 157 -1.45 -2.78 15.93
C VAL B 157 0.00 -2.65 15.51
N CYS B 158 0.81 -3.63 15.93
CA CYS B 158 2.27 -3.60 15.71
C CYS B 158 2.74 -4.81 14.97
N ASN B 159 3.66 -4.57 14.04
CA ASN B 159 4.43 -5.61 13.37
CA ASN B 159 4.45 -5.61 13.39
C ASN B 159 5.82 -5.02 13.16
N ASN B 160 6.62 -5.02 14.22
CA ASN B 160 7.91 -4.41 14.27
C ASN B 160 8.65 -4.58 12.93
N PRO B 161 9.07 -3.47 12.26
CA PRO B 161 9.18 -2.10 12.76
C PRO B 161 7.95 -1.22 12.48
N GLU B 162 6.89 -1.83 11.97
CA GLU B 162 5.69 -1.05 11.62
C GLU B 162 4.67 -0.95 12.73
N ILE B 163 3.97 0.20 12.75
CA ILE B 163 2.88 0.44 13.61
C ILE B 163 1.75 1.06 12.80
N VAL B 164 0.56 0.52 12.96
CA VAL B 164 -0.61 1.02 12.24
C VAL B 164 -1.61 1.52 13.23
N THR B 165 -2.14 2.71 12.99
CA THR B 165 -3.16 3.31 13.86
C THR B 165 -4.39 3.79 13.09
N VAL B 166 -5.51 3.83 13.79
CA VAL B 166 -6.78 4.38 13.27
C VAL B 166 -7.40 5.25 14.35
N GLY B 167 -8.31 6.10 13.93
CA GLY B 167 -8.89 7.04 14.86
C GLY B 167 -10.22 7.54 14.44
N GLU B 168 -10.78 8.40 15.28
CA GLU B 168 -12.11 8.95 15.04
C GLU B 168 -12.15 9.98 13.93
N ASP B 169 -10.99 10.51 13.53
CA ASP B 169 -10.87 11.35 12.35
C ASP B 169 -10.98 10.58 10.98
N GLY B 170 -11.20 9.27 11.05
CA GLY B 170 -11.16 8.33 9.89
C GLY B 170 -9.82 8.26 9.12
N ARG B 171 -8.75 8.65 9.81
CA ARG B 171 -7.38 8.58 9.33
C ARG B 171 -6.78 7.20 9.67
N ILE B 172 -5.97 6.67 8.75
CA ILE B 172 -5.24 5.45 8.96
C ILE B 172 -3.78 5.78 8.73
N ASN B 173 -2.95 5.54 9.75
CA ASN B 173 -1.49 5.77 9.66
C ASN B 173 -0.68 4.47 9.65
N LEU B 174 0.36 4.48 8.84
CA LEU B 174 1.50 3.59 8.98
C LEU B 174 2.72 4.38 9.48
N PHE B 175 3.17 4.02 10.67
CA PHE B 175 4.38 4.55 11.27
C PHE B 175 5.45 3.49 11.25
N ARG B 176 6.69 3.95 11.27
CA ARG B 176 7.85 3.07 11.42
CA ARG B 176 7.84 3.06 11.42
C ARG B 176 8.71 3.62 12.51
N ALA B 177 9.17 2.73 13.36
CA ALA B 177 10.11 3.08 14.39
C ALA B 177 11.23 3.95 13.83
N ASP B 178 11.43 5.06 14.51
CA ASP B 178 12.54 5.98 14.30
C ASP B 178 12.34 6.86 13.09
N HIS B 179 11.15 6.80 12.47
CA HIS B 179 10.79 7.74 11.42
C HIS B 179 9.85 8.73 12.06
N LYS B 180 10.14 10.00 11.90
CA LYS B 180 9.45 11.07 12.61
C LYS B 180 8.05 11.29 12.09
N GLU B 181 7.88 11.11 10.79
CA GLU B 181 6.60 11.28 10.15
C GLU B 181 6.06 9.91 9.72
N ALA B 182 4.74 9.83 9.60
CA ALA B 182 4.11 8.62 9.07
C ALA B 182 4.74 8.23 7.74
N VAL B 183 4.94 6.93 7.56
CA VAL B 183 5.31 6.38 6.24
C VAL B 183 4.22 6.70 5.22
N ARG B 184 2.98 6.49 5.63
CA ARG B 184 1.83 6.78 4.83
C ARG B 184 0.68 7.06 5.75
N THR B 185 -0.11 8.05 5.37
CA THR B 185 -1.39 8.31 5.98
C THR B 185 -2.46 8.25 4.94
N ILE B 186 -3.52 7.48 5.20
CA ILE B 186 -4.69 7.50 4.31
C ILE B 186 -5.63 8.46 5.04
N ASP B 187 -5.63 9.71 4.56
CA ASP B 187 -6.51 10.76 5.08
C ASP B 187 -7.92 10.42 4.67
N ASN B 188 -8.86 10.66 5.58
CA ASN B 188 -10.29 10.51 5.29
C ASN B 188 -10.51 9.20 4.60
N ALA B 189 -9.96 8.17 5.22
CA ALA B 189 -10.15 6.80 4.75
C ALA B 189 -11.58 6.33 4.95
N ASP B 190 -12.11 6.55 6.11
CA ASP B 190 -13.50 6.15 6.35
C ASP B 190 -14.33 7.37 6.78
N SER B 191 -15.58 7.45 6.30
CA SER B 191 -16.52 8.51 6.69
CA SER B 191 -16.53 8.50 6.70
C SER B 191 -17.23 8.17 8.03
N SER B 192 -17.13 6.92 8.48
CA SER B 192 -17.69 6.47 9.79
C SER B 192 -16.55 6.39 10.75
N THR B 193 -16.84 6.23 12.04
CA THR B 193 -15.75 6.11 13.02
C THR B 193 -15.04 4.77 12.87
N LEU B 194 -13.73 4.80 12.77
CA LEU B 194 -12.93 3.60 12.80
C LEU B 194 -12.73 3.16 14.23
N HIS B 195 -13.07 1.92 14.53
CA HIS B 195 -13.02 1.43 15.90
C HIS B 195 -11.84 0.52 16.16
N ALA B 196 -11.37 -0.19 15.14
CA ALA B 196 -10.26 -1.14 15.35
C ALA B 196 -9.66 -1.51 14.03
N VAL B 197 -8.47 -2.13 14.11
CA VAL B 197 -7.69 -2.50 12.94
C VAL B 197 -6.87 -3.76 13.25
N THR B 198 -6.59 -4.52 12.21
CA THR B 198 -5.70 -5.64 12.28
C THR B 198 -4.86 -5.69 11.01
N PHE B 199 -3.64 -6.26 11.09
CA PHE B 199 -2.99 -6.67 9.87
C PHE B 199 -3.67 -7.86 9.29
N LEU B 200 -3.68 -7.95 7.95
CA LEU B 200 -3.95 -9.21 7.24
C LEU B 200 -2.53 -9.76 6.95
N ARG B 201 -1.95 -9.52 5.76
CA ARG B 201 -0.46 -9.65 5.54
C ARG B 201 0.09 -8.29 5.17
N THR B 202 0.98 -7.71 6.02
CA THR B 202 1.53 -6.31 5.76
C THR B 202 2.09 -6.20 4.33
N PRO B 203 1.89 -5.03 3.66
CA PRO B 203 1.24 -3.80 4.13
C PRO B 203 -0.29 -3.78 3.90
N GLU B 204 -0.93 -4.97 3.92
CA GLU B 204 -2.41 -5.05 3.94
C GLU B 204 -3.02 -5.15 5.34
N ILE B 205 -4.09 -4.38 5.55
CA ILE B 205 -4.74 -4.27 6.85
C ILE B 205 -6.23 -4.31 6.64
N LEU B 206 -6.94 -4.49 7.71
CA LEU B 206 -8.39 -4.50 7.70
C LEU B 206 -8.86 -3.71 8.92
N THR B 207 -9.85 -2.83 8.66
CA THR B 207 -10.43 -1.98 9.67
C THR B 207 -11.90 -2.30 9.86
N VAL B 208 -12.41 -2.02 11.05
CA VAL B 208 -13.87 -2.13 11.32
C VAL B 208 -14.39 -0.78 11.80
N ASN B 209 -15.64 -0.46 11.46
CA ASN B 209 -16.18 0.85 11.78
C ASN B 209 -17.55 0.81 12.48
N SER B 210 -18.05 2.01 12.75
CA SER B 210 -19.29 2.18 13.50
C SER B 210 -20.58 1.87 12.73
N ILE B 211 -20.47 1.52 11.45
CA ILE B 211 -21.65 1.05 10.71
C ILE B 211 -21.52 -0.41 10.23
N GLY B 212 -20.59 -1.13 10.84
CA GLY B 212 -20.47 -2.58 10.66
C GLY B 212 -19.75 -3.02 9.39
N GLN B 213 -18.86 -2.16 8.87
CA GLN B 213 -18.13 -2.49 7.66
C GLN B 213 -16.71 -2.85 8.01
N LEU B 214 -16.26 -3.93 7.39
CA LEU B 214 -14.83 -4.33 7.35
C LEU B 214 -14.27 -3.79 6.03
N LYS B 215 -13.18 -3.05 6.10
CA LYS B 215 -12.58 -2.46 4.92
C LYS B 215 -11.10 -2.84 4.85
N ILE B 216 -10.66 -3.20 3.67
CA ILE B 216 -9.31 -3.69 3.43
C ILE B 216 -8.54 -2.60 2.70
N TRP B 217 -7.33 -2.33 3.20
CA TRP B 217 -6.50 -1.28 2.68
C TRP B 217 -5.08 -1.81 2.48
N ASP B 218 -4.33 -1.08 1.67
CA ASP B 218 -2.92 -1.34 1.46
C ASP B 218 -2.24 0.01 1.44
N PHE B 219 -1.14 0.16 2.17
CA PHE B 219 -0.44 1.46 2.16
C PHE B 219 0.28 1.86 0.87
N ARG B 220 0.28 0.99 -0.14
CA ARG B 220 0.78 1.33 -1.45
C ARG B 220 -0.33 1.90 -2.37
N GLN B 221 -1.59 1.90 -1.92
CA GLN B 221 -2.71 2.22 -2.79
C GLN B 221 -2.76 3.72 -3.14
N GLN B 222 -3.42 3.99 -4.24
CA GLN B 222 -3.77 5.34 -4.65
C GLN B 222 -5.16 5.59 -4.10
N GLY B 223 -5.39 6.80 -3.63
CA GLY B 223 -6.73 7.18 -3.24
C GLY B 223 -7.06 6.76 -1.84
N ASN B 224 -8.28 7.06 -1.47
CA ASN B 224 -8.75 6.92 -0.10
CA ASN B 224 -8.73 6.86 -0.08
C ASN B 224 -9.93 5.93 0.03
N GLU B 225 -10.11 5.06 -0.96
CA GLU B 225 -11.13 4.04 -0.93
C GLU B 225 -10.52 2.65 -0.67
N PRO B 226 -11.25 1.78 0.04
CA PRO B 226 -10.71 0.44 0.33
C PRO B 226 -10.74 -0.49 -0.90
N SER B 227 -9.98 -1.58 -0.88
CA SER B 227 -10.01 -2.53 -1.98
C SER B 227 -11.23 -3.44 -1.93
N GLN B 228 -11.86 -3.51 -0.79
CA GLN B 228 -12.90 -4.50 -0.52
C GLN B 228 -13.63 -4.05 0.72
N ILE B 229 -14.96 -4.19 0.70
CA ILE B 229 -15.78 -3.90 1.85
C ILE B 229 -16.61 -5.17 2.14
N LEU B 230 -16.65 -5.56 3.40
CA LEU B 230 -17.49 -6.64 3.87
C LEU B 230 -18.41 -6.10 4.93
N SER B 231 -19.63 -6.62 4.99
CA SER B 231 -20.54 -6.20 6.04
CA SER B 231 -20.61 -6.11 5.95
C SER B 231 -21.74 -7.13 6.08
N LEU B 232 -22.38 -7.12 7.22
CA LEU B 232 -23.61 -7.84 7.37
C LEU B 232 -24.68 -6.85 6.95
C LEU B 232 -24.74 -7.05 6.73
N THR B 233 -25.60 -7.26 6.09
N THR B 233 -25.91 -7.65 6.77
CA THR B 233 -26.72 -6.38 5.79
CA THR B 233 -27.04 -7.16 6.04
C THR B 233 -27.79 -6.44 6.92
C THR B 233 -27.97 -6.61 7.08
N GLY B 234 -28.85 -5.65 6.74
CA GLY B 234 -29.85 -5.28 7.78
C GLY B 234 -29.28 -4.19 8.67
N ASP B 235 -29.51 -4.28 9.98
CA ASP B 235 -28.97 -3.30 10.96
C ASP B 235 -27.49 -3.08 10.74
N ARG B 236 -27.10 -1.83 10.64
CA ARG B 236 -25.69 -1.49 10.55
C ARG B 236 -25.10 -1.38 11.97
N VAL B 237 -24.89 -2.53 12.59
CA VAL B 237 -24.39 -2.60 13.97
C VAL B 237 -22.87 -2.26 14.05
N PRO B 238 -22.52 -1.33 14.93
CA PRO B 238 -21.12 -0.96 15.09
C PRO B 238 -20.27 -2.16 15.46
N LEU B 239 -19.07 -2.24 14.89
CA LEU B 239 -18.08 -3.26 15.22
C LEU B 239 -16.97 -2.60 16.02
N HIS B 240 -16.63 -3.15 17.16
CA HIS B 240 -15.71 -2.53 18.11
C HIS B 240 -14.35 -3.18 18.16
N CYS B 241 -14.22 -4.40 17.70
CA CYS B 241 -12.97 -5.15 17.79
C CYS B 241 -12.83 -6.13 16.64
N VAL B 242 -11.58 -6.44 16.32
CA VAL B 242 -11.29 -7.37 15.25
C VAL B 242 -9.96 -8.08 15.59
N ASP B 243 -9.84 -9.35 15.17
CA ASP B 243 -8.57 -10.10 15.30
C ASP B 243 -8.42 -10.99 14.12
N ARG B 244 -7.20 -11.12 13.63
CA ARG B 244 -6.91 -12.03 12.54
C ARG B 244 -6.53 -13.40 13.08
N HIS B 245 -6.96 -14.44 12.41
CA HIS B 245 -6.57 -15.80 12.76
C HIS B 245 -5.04 -15.90 12.59
N PRO B 246 -4.35 -16.45 13.59
CA PRO B 246 -2.86 -16.47 13.53
C PRO B 246 -2.27 -17.26 12.39
N ASN B 247 -2.97 -18.28 11.89
CA ASN B 247 -2.48 -19.17 10.83
C ASN B 247 -3.13 -18.92 9.47
N GLN B 248 -4.36 -18.42 9.47
CA GLN B 248 -5.10 -18.27 8.23
C GLN B 248 -5.26 -16.80 7.99
N GLN B 249 -4.40 -16.25 7.15
CA GLN B 249 -4.30 -14.79 6.97
C GLN B 249 -5.57 -14.14 6.39
N HIS B 250 -6.51 -14.97 5.91
CA HIS B 250 -7.73 -14.55 5.21
CA HIS B 250 -7.72 -14.47 5.22
C HIS B 250 -8.94 -14.46 6.18
N VAL B 251 -8.75 -14.88 7.43
CA VAL B 251 -9.84 -15.07 8.38
C VAL B 251 -9.75 -14.07 9.53
N VAL B 252 -10.86 -13.40 9.85
CA VAL B 252 -10.91 -12.51 10.95
C VAL B 252 -12.16 -12.74 11.76
N ALA B 253 -12.05 -12.38 13.03
CA ALA B 253 -13.18 -12.37 13.94
C ALA B 253 -13.48 -10.98 14.32
N THR B 254 -14.77 -10.65 14.46
CA THR B 254 -15.14 -9.30 14.98
C THR B 254 -16.16 -9.39 16.11
N GLY B 255 -16.22 -8.32 16.90
CA GLY B 255 -17.20 -8.17 17.98
C GLY B 255 -17.97 -6.92 17.80
N GLY B 256 -19.26 -7.00 18.07
CA GLY B 256 -20.15 -5.90 17.84
C GLY B 256 -20.81 -5.24 19.02
N GLN B 257 -21.48 -4.13 18.70
CA GLN B 257 -22.32 -3.40 19.67
CA GLN B 257 -22.27 -3.41 19.71
C GLN B 257 -23.37 -4.29 20.30
N ASP B 258 -23.86 -5.25 19.52
CA ASP B 258 -24.95 -6.17 19.93
C ASP B 258 -24.40 -7.41 20.64
N GLY B 259 -23.11 -7.41 20.95
CA GLY B 259 -22.46 -8.50 21.65
C GLY B 259 -22.12 -9.71 20.81
N MET B 260 -22.38 -9.67 19.50
CA MET B 260 -22.24 -10.88 18.66
C MET B 260 -20.83 -11.07 18.18
N LEU B 261 -20.47 -12.34 17.96
CA LEU B 261 -19.20 -12.76 17.40
C LEU B 261 -19.46 -13.10 15.92
N SER B 262 -18.71 -12.46 15.03
CA SER B 262 -18.72 -12.77 13.59
C SER B 262 -17.37 -13.29 13.13
N ILE B 263 -17.39 -14.35 12.31
CA ILE B 263 -16.20 -14.87 11.68
C ILE B 263 -16.32 -14.58 10.18
N TRP B 264 -15.24 -14.12 9.58
CA TRP B 264 -15.24 -13.71 8.22
C TRP B 264 -14.05 -14.34 7.51
N ASP B 265 -14.25 -14.63 6.25
CA ASP B 265 -13.20 -15.11 5.35
C ASP B 265 -13.20 -14.19 4.17
N VAL B 266 -12.15 -13.41 4.03
CA VAL B 266 -12.16 -12.32 3.04
C VAL B 266 -12.13 -12.81 1.61
N ARG B 267 -11.99 -14.11 1.42
CA ARG B 267 -12.09 -14.69 0.08
C ARG B 267 -13.52 -15.20 -0.20
N GLN B 268 -14.40 -15.16 0.80
CA GLN B 268 -15.72 -15.83 0.71
C GLN B 268 -16.89 -14.83 0.57
N GLY B 269 -16.70 -13.78 -0.22
CA GLY B 269 -17.79 -12.84 -0.49
C GLY B 269 -17.86 -11.75 0.56
N THR B 270 -19.01 -11.09 0.67
CA THR B 270 -19.12 -9.86 1.53
C THR B 270 -19.77 -10.05 2.90
N MET B 271 -20.30 -11.24 3.18
N MET B 271 -20.38 -11.23 3.15
CA MET B 271 -21.01 -11.50 4.43
CA MET B 271 -21.10 -11.52 4.41
C MET B 271 -20.18 -12.43 5.32
C MET B 271 -20.20 -12.41 5.31
N PRO B 272 -20.51 -12.48 6.61
CA PRO B 272 -19.69 -13.35 7.49
C PRO B 272 -19.98 -14.82 7.21
N VAL B 273 -19.01 -15.67 7.54
CA VAL B 273 -19.14 -17.11 7.42
CA VAL B 273 -19.20 -17.10 7.39
C VAL B 273 -19.92 -17.65 8.61
N SER B 274 -19.76 -16.99 9.78
CA SER B 274 -20.45 -17.35 11.01
CA SER B 274 -20.49 -17.33 10.97
C SER B 274 -20.89 -16.09 11.74
N LEU B 275 -22.09 -16.14 12.33
CA LEU B 275 -22.62 -15.08 13.15
C LEU B 275 -23.21 -15.73 14.40
N LEU B 276 -22.63 -15.43 15.54
CA LEU B 276 -22.94 -16.19 16.74
C LEU B 276 -23.40 -15.26 17.83
N LYS B 277 -24.55 -15.58 18.38
CA LYS B 277 -25.09 -14.80 19.50
CA LYS B 277 -25.09 -14.81 19.48
C LYS B 277 -24.19 -14.94 20.69
N ALA B 278 -23.91 -13.86 21.37
CA ALA B 278 -23.04 -13.96 22.51
C ALA B 278 -23.48 -13.07 23.71
N HIS B 279 -22.81 -11.94 23.87
CA HIS B 279 -22.97 -11.15 25.05
C HIS B 279 -24.22 -10.31 24.97
N GLU B 280 -24.60 -9.78 26.13
CA GLU B 280 -25.79 -8.95 26.26
C GLU B 280 -25.55 -7.45 26.05
N ALA B 281 -24.29 -7.05 25.86
CA ALA B 281 -23.93 -5.68 25.54
C ALA B 281 -22.70 -5.74 24.69
N GLU B 282 -22.07 -4.59 24.43
CA GLU B 282 -20.94 -4.54 23.54
C GLU B 282 -19.84 -5.58 23.83
N MET B 283 -19.33 -6.19 22.77
CA MET B 283 -18.09 -6.91 22.85
C MET B 283 -16.91 -5.98 22.60
N TRP B 284 -16.03 -5.83 23.57
CA TRP B 284 -14.98 -4.88 23.46
C TRP B 284 -13.71 -5.43 22.83
N GLU B 285 -13.36 -6.68 23.11
CA GLU B 285 -12.19 -7.33 22.49
C GLU B 285 -12.50 -8.74 22.11
N VAL B 286 -11.77 -9.22 21.10
CA VAL B 286 -11.82 -10.57 20.65
C VAL B 286 -10.38 -10.98 20.29
N HIS B 287 -9.96 -12.12 20.77
CA HIS B 287 -8.64 -12.65 20.51
C HIS B 287 -8.69 -14.13 20.19
N PHE B 288 -8.08 -14.53 19.08
CA PHE B 288 -7.77 -15.91 18.87
C PHE B 288 -6.60 -16.24 19.79
N HIS B 289 -6.61 -17.43 20.37
CA HIS B 289 -5.44 -17.89 21.05
C HIS B 289 -4.28 -17.99 20.07
N PRO B 290 -3.11 -17.40 20.43
CA PRO B 290 -2.00 -17.31 19.42
C PRO B 290 -1.41 -18.65 18.96
N SER B 291 -1.31 -19.64 19.83
CA SER B 291 -0.74 -20.91 19.45
C SER B 291 -1.75 -21.99 19.18
N ASN B 292 -2.93 -21.95 19.80
CA ASN B 292 -4.00 -22.87 19.42
C ASN B 292 -5.28 -22.13 19.15
N PRO B 293 -5.44 -21.70 17.90
CA PRO B 293 -6.55 -20.80 17.59
C PRO B 293 -7.92 -21.47 17.43
N GLU B 294 -8.02 -22.77 17.74
CA GLU B 294 -9.32 -23.39 18.01
C GLU B 294 -9.96 -22.75 19.28
N HIS B 295 -9.15 -22.12 20.10
CA HIS B 295 -9.64 -21.37 21.26
C HIS B 295 -9.65 -19.86 20.93
N LEU B 296 -10.70 -19.19 21.35
CA LEU B 296 -10.90 -17.78 21.11
C LEU B 296 -11.55 -17.20 22.37
N PHE B 297 -11.24 -15.95 22.65
CA PHE B 297 -11.68 -15.27 23.85
C PHE B 297 -12.30 -13.95 23.51
N THR B 298 -13.40 -13.65 24.20
CA THR B 298 -14.16 -12.41 24.00
C THR B 298 -14.49 -11.81 25.33
N CYS B 299 -14.58 -10.49 25.38
CA CYS B 299 -15.03 -9.83 26.63
C CYS B 299 -16.07 -8.73 26.32
N SER B 300 -16.86 -8.40 27.32
CA SER B 300 -17.94 -7.48 27.14
C SER B 300 -18.21 -6.47 28.21
N GLU B 301 -18.87 -5.40 27.76
CA GLU B 301 -19.50 -4.40 28.63
C GLU B 301 -20.45 -4.99 29.68
N ASP B 302 -21.04 -6.15 29.39
CA ASP B 302 -21.97 -6.80 30.32
C ASP B 302 -21.26 -7.48 31.48
N GLY B 303 -19.94 -7.45 31.47
CA GLY B 303 -19.18 -7.93 32.61
C GLY B 303 -18.67 -9.36 32.47
N SER B 304 -18.79 -9.92 31.26
CA SER B 304 -18.35 -11.29 31.04
CA SER B 304 -18.42 -11.32 30.95
C SER B 304 -17.14 -11.41 30.18
N LEU B 305 -16.42 -12.50 30.39
CA LEU B 305 -15.30 -12.89 29.59
C LEU B 305 -15.51 -14.35 29.23
N TRP B 306 -15.59 -14.66 27.94
CA TRP B 306 -15.90 -15.99 27.46
C TRP B 306 -14.69 -16.67 26.79
N HIS B 307 -14.55 -17.95 27.08
CA HIS B 307 -13.61 -18.83 26.43
C HIS B 307 -14.41 -19.71 25.53
N TRP B 308 -14.20 -19.56 24.24
CA TRP B 308 -14.85 -20.32 23.17
C TRP B 308 -13.88 -21.39 22.68
N ASP B 309 -14.34 -22.60 22.62
CA ASP B 309 -13.51 -23.72 22.31
C ASP B 309 -14.15 -24.50 21.17
N ALA B 310 -13.58 -24.36 19.98
CA ALA B 310 -14.02 -25.10 18.77
C ALA B 310 -13.16 -26.32 18.47
N SER B 311 -12.45 -26.84 19.46
CA SER B 311 -11.53 -27.95 19.22
C SER B 311 -12.26 -29.29 19.33
N SER B 348 -13.12 -26.02 13.88
CA SER B 348 -12.66 -24.89 13.08
C SER B 348 -13.75 -23.88 12.81
N TRP B 349 -13.32 -22.64 12.78
CA TRP B 349 -14.19 -21.49 12.73
C TRP B 349 -14.88 -21.31 11.39
N LEU B 350 -14.43 -22.07 10.39
CA LEU B 350 -15.02 -21.97 9.07
C LEU B 350 -15.93 -23.15 8.73
N SER B 351 -16.33 -23.92 9.73
CA SER B 351 -17.23 -25.04 9.51
N ILE B 359 -19.46 -25.82 19.21
CA ILE B 359 -18.59 -24.88 19.96
C ILE B 359 -19.00 -24.84 21.40
N GLU B 360 -18.05 -24.98 22.30
CA GLU B 360 -18.39 -24.90 23.72
C GLU B 360 -17.80 -23.63 24.36
N ILE B 361 -18.58 -23.03 25.26
CA ILE B 361 -18.26 -21.74 25.78
C ILE B 361 -18.29 -21.82 27.31
N THR B 362 -17.28 -21.19 27.94
CA THR B 362 -17.19 -21.11 29.39
C THR B 362 -17.00 -19.64 29.70
N SER B 363 -17.80 -19.15 30.65
CA SER B 363 -17.71 -17.80 31.16
C SER B 363 -16.83 -17.79 32.42
N LEU B 364 -15.72 -17.03 32.37
CA LEU B 364 -14.64 -17.20 33.33
C LEU B 364 -14.65 -16.35 34.57
N LEU B 365 -15.39 -15.24 34.50
CA LEU B 365 -15.42 -14.28 35.63
C LEU B 365 -16.71 -14.43 36.38
N PRO B 366 -16.74 -13.94 37.62
CA PRO B 366 -17.93 -14.08 38.41
C PRO B 366 -19.06 -13.21 37.89
N SER B 367 -20.25 -13.57 38.34
N SER B 367 -20.26 -13.61 38.29
CA SER B 367 -21.52 -12.94 37.98
C SER B 367 -21.63 -11.44 38.33
C SER B 367 -21.48 -11.46 38.40
N ARG B 368 -20.80 -10.93 39.25
N ARG B 368 -22.21 -10.63 37.67
CA ARG B 368 -20.94 -9.54 39.75
CA ARG B 368 -22.31 -9.20 38.00
C ARG B 368 -20.00 -8.56 39.05
C ARG B 368 -20.94 -8.51 38.20
N SER B 369 -19.44 -8.95 37.93
N SER B 369 -19.96 -8.86 37.35
CA SER B 369 -18.51 -8.09 37.27
CA SER B 369 -18.68 -8.11 37.22
C SER B 369 -19.13 -6.88 36.47
N LEU B 370 -18.43 -5.76 36.56
CA LEU B 370 -18.67 -4.60 35.70
C LEU B 370 -17.94 -4.88 34.38
N SER B 371 -18.02 -3.94 33.43
CA SER B 371 -17.43 -4.11 32.10
C SER B 371 -16.04 -4.68 32.12
N VAL B 372 -15.83 -5.73 31.36
CA VAL B 372 -14.51 -6.27 31.10
C VAL B 372 -14.08 -5.61 29.79
N ASN B 373 -13.07 -4.72 29.86
CA ASN B 373 -12.69 -3.91 28.76
C ASN B 373 -11.70 -4.50 27.80
N THR B 374 -10.97 -5.54 28.26
CA THR B 374 -9.74 -5.95 27.64
C THR B 374 -9.31 -7.31 28.15
N LEU B 375 -8.67 -8.09 27.32
CA LEU B 375 -8.05 -9.31 27.76
C LEU B 375 -6.83 -9.58 26.90
N ASP B 376 -5.96 -10.42 27.44
CA ASP B 376 -4.84 -10.95 26.64
C ASP B 376 -4.59 -12.37 27.03
N VAL B 377 -4.24 -13.18 26.06
CA VAL B 377 -3.93 -14.59 26.31
CA VAL B 377 -3.94 -14.59 26.30
C VAL B 377 -2.61 -14.97 25.63
N LEU B 378 -1.82 -15.72 26.35
CA LEU B 378 -0.56 -16.24 25.85
C LEU B 378 -0.31 -17.58 26.52
N GLY B 379 -0.21 -18.65 25.74
CA GLY B 379 -0.03 -19.99 26.34
C GLY B 379 -1.25 -20.24 27.30
N PRO B 380 -1.00 -20.70 28.53
CA PRO B 380 -2.07 -20.97 29.53
C PRO B 380 -2.44 -19.75 30.39
N CYS B 381 -1.95 -18.57 30.00
CA CYS B 381 -2.10 -17.35 30.77
C CYS B 381 -3.12 -16.42 30.19
N LEU B 382 -4.06 -16.01 31.04
CA LEU B 382 -5.02 -14.99 30.69
CA LEU B 382 -5.04 -15.01 30.69
C LEU B 382 -5.00 -13.85 31.69
N VAL B 383 -5.06 -12.63 31.18
CA VAL B 383 -5.20 -11.43 32.00
C VAL B 383 -6.35 -10.58 31.44
N CYS B 384 -7.14 -9.90 32.28
CA CYS B 384 -8.15 -8.98 31.81
C CYS B 384 -8.33 -7.87 32.80
N GLY B 385 -8.93 -6.78 32.36
CA GLY B 385 -9.08 -5.56 33.12
C GLY B 385 -10.52 -5.10 33.08
N THR B 386 -11.02 -4.58 34.20
CA THR B 386 -12.42 -4.22 34.27
C THR B 386 -12.65 -2.83 34.83
N ASP B 387 -13.85 -2.32 34.62
CA ASP B 387 -14.29 -1.09 35.23
C ASP B 387 -14.53 -1.15 36.73
N ALA B 388 -14.40 -2.34 37.36
CA ALA B 388 -14.40 -2.45 38.80
C ALA B 388 -13.04 -2.13 39.40
N GLU B 389 -12.11 -1.64 38.58
CA GLU B 389 -10.70 -1.36 38.98
C GLU B 389 -9.96 -2.68 39.34
N ALA B 390 -10.35 -3.74 38.69
CA ALA B 390 -9.84 -5.09 38.90
C ALA B 390 -9.13 -5.60 37.68
N ILE B 391 -8.09 -6.38 37.99
CA ILE B 391 -7.34 -7.19 37.04
CA ILE B 391 -7.42 -7.21 37.01
C ILE B 391 -7.66 -8.65 37.45
N TYR B 392 -8.07 -9.51 36.52
CA TYR B 392 -8.20 -10.94 36.79
C TYR B 392 -7.07 -11.63 36.01
N VAL B 393 -6.44 -12.61 36.66
CA VAL B 393 -5.41 -13.42 36.06
C VAL B 393 -5.66 -14.91 36.30
N THR B 394 -5.36 -15.74 35.29
CA THR B 394 -5.03 -17.17 35.55
C THR B 394 -3.79 -17.50 34.74
N ARG B 395 -2.89 -18.27 35.33
CA ARG B 395 -1.75 -18.80 34.59
C ARG B 395 -1.95 -20.28 34.27
N HIS B 396 -3.18 -20.75 34.38
CA HIS B 396 -3.47 -22.19 34.34
C HIS B 396 -4.80 -22.44 33.67
N LEU B 397 -4.97 -21.86 32.50
CA LEU B 397 -6.22 -21.95 31.78
C LEU B 397 -6.60 -23.40 31.48
N PHE B 398 -5.61 -24.24 31.20
CA PHE B 398 -5.84 -25.59 30.69
C PHE B 398 -5.42 -26.72 31.66
N SER B 399 -5.30 -26.40 32.95
CA SER B 399 -4.87 -27.33 33.95
C SER B 399 -5.53 -27.09 35.32
N UNK C 1 -32.62 -17.59 17.78
CA UNK C 1 -32.53 -18.13 16.39
C UNK C 1 -31.57 -19.27 16.44
N UNK C 2 -27.87 -18.60 14.85
CA UNK C 2 -26.81 -17.88 15.59
C UNK C 2 -26.46 -18.55 16.89
N UNK C 3 -24.40 -20.93 19.13
CA UNK C 3 -23.05 -21.51 19.03
C UNK C 3 -23.10 -23.02 19.15
N UNK C 4 -24.14 -23.53 19.80
CA UNK C 4 -24.33 -25.00 19.92
C UNK C 4 -24.57 -25.64 18.60
N UNK C 5 -25.12 -24.89 17.66
CA UNK C 5 -25.42 -25.43 16.33
C UNK C 5 -24.17 -26.02 15.78
N UNK C 6 -23.04 -25.43 16.20
CA UNK C 6 -21.73 -25.88 15.80
C UNK C 6 -21.13 -26.60 16.99
N UNK C 7 -31.88 -20.36 15.74
CA UNK C 7 -30.93 -21.49 15.65
C UNK C 7 -29.71 -21.08 14.87
N UNK C 8 -29.90 -20.15 13.92
CA UNK C 8 -28.84 -19.73 12.98
C UNK C 8 -27.64 -19.17 13.68
N UNK C 9 -26.96 -19.78 17.11
CA UNK C 9 -26.66 -20.52 18.35
C UNK C 9 -25.32 -21.20 18.21
#